data_2NX4
#
_entry.id   2NX4
#
_cell.length_a   54.439
_cell.length_b   114.826
_cell.length_c   73.519
_cell.angle_alpha   90.00
_cell.angle_beta   110.08
_cell.angle_gamma   90.00
#
_symmetry.space_group_name_H-M   'P 1 21 1'
#
loop_
_entity.id
_entity.type
_entity.pdbx_description
1 polymer 'Transcriptional regulator, TetR family protein'
2 water water
#
_entity_poly.entity_id   1
_entity_poly.type   'polypeptide(L)'
_entity_poly.pdbx_seq_one_letter_code
;GVPKLVDHDERRRSITAAAWRLIAARGIEAANMRDIATEAGYTNGALSHYFAGKDEILRTSYEHISEATDRRIAEALGDA
TGLDALRILCREVMPINEEQLLEARIAASLWPRAMYDEQMAATNRRTMDNWREQMAIFLEQAREEGSVGDIDVTIVVEQL
LNMMMGMQILGVLTPGETSSERQLEMLEQFVAAL
;
_entity_poly.pdbx_strand_id   A,B,C,D
#
# COMPACT_ATOMS: atom_id res chain seq x y z
N GLY A 1 0.11 -24.22 40.10
CA GLY A 1 0.04 -23.06 39.16
C GLY A 1 -0.31 -23.46 37.73
N VAL A 2 -0.01 -22.58 36.79
CA VAL A 2 -0.35 -22.79 35.38
C VAL A 2 0.58 -23.87 34.82
N PRO A 3 0.03 -24.84 34.05
CA PRO A 3 0.90 -25.87 33.49
C PRO A 3 1.92 -25.24 32.55
N LYS A 4 3.11 -25.84 32.46
CA LYS A 4 4.17 -25.31 31.60
C LYS A 4 3.70 -25.17 30.14
N LEU A 5 2.90 -26.12 29.67
CA LEU A 5 2.35 -26.07 28.31
C LEU A 5 1.57 -24.77 28.06
N VAL A 6 0.69 -24.41 29.01
CA VAL A 6 -0.09 -23.19 28.91
C VAL A 6 0.83 -21.96 28.98
N ASP A 7 1.79 -22.00 29.88
CA ASP A 7 2.71 -20.91 29.99
C ASP A 7 3.49 -20.69 28.70
N HIS A 8 3.98 -21.74 28.10
CA HIS A 8 4.72 -21.55 26.88
C HIS A 8 3.86 -21.01 25.74
N ASP A 9 2.64 -21.49 25.65
CA ASP A 9 1.66 -20.95 24.70
C ASP A 9 1.45 -19.44 24.90
N GLU A 10 1.29 -19.03 26.16
CA GLU A 10 1.08 -17.61 26.51
C GLU A 10 2.24 -16.76 26.03
N ARG A 11 3.45 -17.24 26.29
CA ARG A 11 4.67 -16.54 25.89
C ARG A 11 4.76 -16.43 24.38
N ARG A 12 4.48 -17.53 23.67
CA ARG A 12 4.44 -17.46 22.21
C ARG A 12 3.44 -16.45 21.69
N ARG A 13 2.28 -16.38 22.34
CA ARG A 13 1.24 -15.43 21.94
C ARG A 13 1.68 -13.99 22.18
N SER A 14 2.36 -13.77 23.30
CA SER A 14 2.86 -12.44 23.65
C SER A 14 3.94 -11.96 22.69
N ILE A 15 4.87 -12.85 22.36
CA ILE A 15 5.96 -12.55 21.43
C ILE A 15 5.35 -12.24 20.05
N THR A 16 4.40 -13.08 19.62
CA THR A 16 3.73 -12.90 18.33
C THR A 16 2.99 -11.56 18.24
N ALA A 17 2.31 -11.18 19.33
CA ALA A 17 1.59 -9.92 19.38
C ALA A 17 2.55 -8.76 19.09
N ALA A 18 3.76 -8.86 19.62
CA ALA A 18 4.77 -7.83 19.44
C ALA A 18 5.55 -7.89 18.11
N ALA A 19 5.59 -9.06 17.46
CA ALA A 19 6.42 -9.30 16.27
C ALA A 19 5.69 -9.36 14.91
N TRP A 20 4.38 -9.59 14.94
CA TRP A 20 3.69 -9.93 13.70
C TRP A 20 3.74 -8.77 12.70
N ARG A 21 3.71 -7.53 13.19
CA ARG A 21 3.75 -6.41 12.24
C ARG A 21 5.12 -6.30 11.57
N LEU A 22 6.17 -6.68 12.29
CA LEU A 22 7.52 -6.64 11.72
C LEU A 22 7.60 -7.69 10.59
N ILE A 23 7.07 -8.88 10.87
CA ILE A 23 7.04 -9.91 9.83
C ILE A 23 6.21 -9.45 8.64
N ALA A 24 5.05 -8.83 8.90
CA ALA A 24 4.23 -8.36 7.80
C ALA A 24 4.93 -7.28 6.96
N ALA A 25 5.67 -6.41 7.65
CA ALA A 25 6.26 -5.26 7.00
C ALA A 25 7.49 -5.65 6.22
N ARG A 26 8.28 -6.59 6.75
CA ARG A 26 9.57 -6.91 6.14
C ARG A 26 9.53 -8.20 5.34
N GLY A 27 8.56 -9.06 5.65
CA GLY A 27 8.46 -10.37 5.03
C GLY A 27 9.30 -11.38 5.79
N ILE A 28 8.89 -12.64 5.71
CA ILE A 28 9.47 -13.66 6.57
C ILE A 28 10.95 -13.91 6.25
N GLU A 29 11.32 -13.74 4.98
CA GLU A 29 12.69 -13.96 4.52
C GLU A 29 13.65 -12.91 5.04
N ALA A 30 13.27 -11.63 4.94
CA ALA A 30 14.07 -10.51 5.48
C ALA A 30 14.01 -10.43 7.00
N ALA A 31 12.89 -10.87 7.58
CA ALA A 31 12.75 -10.94 9.02
C ALA A 31 13.78 -11.95 9.52
N ASN A 32 14.39 -11.64 10.65
CA ASN A 32 15.26 -12.60 11.30
C ASN A 32 15.03 -12.59 12.79
N MET A 33 15.38 -13.71 13.40
CA MET A 33 15.14 -13.92 14.80
C MET A 33 15.72 -12.83 15.69
N ARG A 34 16.90 -12.31 15.36
CA ARG A 34 17.53 -11.32 16.21
C ARG A 34 16.71 -10.03 16.28
N ASP A 35 16.17 -9.62 15.13
CA ASP A 35 15.33 -8.41 15.05
C ASP A 35 13.99 -8.61 15.74
N ILE A 36 13.44 -9.81 15.62
CA ILE A 36 12.20 -10.18 16.32
C ILE A 36 12.44 -10.18 17.82
N ALA A 37 13.56 -10.77 18.25
CA ALA A 37 13.96 -10.72 19.66
C ALA A 37 14.02 -9.27 20.16
N THR A 38 14.77 -8.43 19.44
CA THR A 38 14.83 -6.98 19.73
C THR A 38 13.44 -6.35 19.92
N GLU A 39 12.57 -6.55 18.93
CA GLU A 39 11.23 -5.95 18.87
C GLU A 39 10.27 -6.46 19.96
N ALA A 40 10.49 -7.69 20.40
CA ALA A 40 9.64 -8.30 21.43
C ALA A 40 10.19 -8.05 22.83
N GLY A 41 11.37 -7.45 22.89
CA GLY A 41 12.03 -7.16 24.16
C GLY A 41 12.62 -8.39 24.81
N TYR A 42 13.09 -9.33 24.00
CA TYR A 42 13.69 -10.58 24.48
C TYR A 42 15.16 -10.67 24.07
N THR A 43 15.93 -11.47 24.82
CA THR A 43 17.26 -11.87 24.39
C THR A 43 17.09 -12.90 23.27
N ASN A 44 18.16 -13.13 22.50
CA ASN A 44 18.15 -14.15 21.45
C ASN A 44 17.85 -15.54 22.00
N GLY A 45 18.54 -15.90 23.08
CA GLY A 45 18.35 -17.18 23.75
C GLY A 45 16.91 -17.39 24.20
N ALA A 46 16.34 -16.36 24.82
CA ALA A 46 14.97 -16.46 25.29
C ALA A 46 13.99 -16.71 24.15
N LEU A 47 14.17 -16.02 23.02
CA LEU A 47 13.27 -16.21 21.87
C LEU A 47 13.33 -17.65 21.34
N SER A 48 14.54 -18.21 21.24
CA SER A 48 14.73 -19.61 20.78
C SER A 48 14.07 -20.62 21.72
N HIS A 49 13.92 -20.25 22.98
CA HIS A 49 13.27 -21.08 23.98
C HIS A 49 11.81 -21.39 23.57
N TYR A 50 11.17 -20.42 22.92
CA TYR A 50 9.74 -20.51 22.59
C TYR A 50 9.41 -20.85 21.13
N PHE A 51 10.33 -20.55 20.21
CA PHE A 51 10.12 -20.78 18.80
C PHE A 51 11.28 -21.53 18.18
N ALA A 52 10.95 -22.55 17.38
CA ALA A 52 11.94 -23.32 16.61
C ALA A 52 12.64 -22.50 15.52
N GLY A 53 11.94 -21.52 14.99
CA GLY A 53 12.49 -20.68 13.94
C GLY A 53 11.42 -19.75 13.43
N LYS A 54 11.74 -18.97 12.41
CA LYS A 54 10.78 -17.99 11.91
C LYS A 54 9.53 -18.61 11.27
N ASP A 55 9.66 -19.80 10.69
CA ASP A 55 8.50 -20.53 10.20
C ASP A 55 7.39 -20.71 11.25
N GLU A 56 7.79 -21.07 12.47
CA GLU A 56 6.83 -21.24 13.57
C GLU A 56 6.21 -19.89 13.96
N ILE A 57 6.99 -18.83 13.86
CA ILE A 57 6.48 -17.50 14.21
C ILE A 57 5.52 -17.00 13.13
N LEU A 58 5.76 -17.41 11.88
CA LEU A 58 4.79 -17.13 10.82
C LEU A 58 3.46 -17.83 11.10
N ARG A 59 3.52 -19.10 11.52
CA ARG A 59 2.32 -19.83 11.89
C ARG A 59 1.54 -19.17 13.02
N THR A 60 2.24 -18.75 14.08
CA THR A 60 1.57 -18.14 15.21
C THR A 60 1.07 -16.73 14.84
N SER A 61 1.81 -16.06 13.95
CA SER A 61 1.35 -14.76 13.42
C SER A 61 -0.02 -14.92 12.70
N TYR A 62 -0.16 -16.00 11.95
CA TYR A 62 -1.43 -16.29 11.27
C TYR A 62 -2.54 -16.57 12.27
N GLU A 63 -2.22 -17.31 13.34
CA GLU A 63 -3.18 -17.52 14.42
C GLU A 63 -3.59 -16.19 15.04
N HIS A 64 -2.60 -15.30 15.22
CA HIS A 64 -2.87 -14.00 15.81
C HIS A 64 -3.88 -13.20 14.97
N ILE A 65 -3.62 -13.10 13.67
CA ILE A 65 -4.47 -12.26 12.81
C ILE A 65 -5.83 -12.90 12.59
N SER A 66 -5.87 -14.25 12.63
CA SER A 66 -7.14 -14.96 12.51
C SER A 66 -8.00 -14.67 13.73
N GLU A 67 -7.41 -14.81 14.91
CA GLU A 67 -8.11 -14.50 16.16
C GLU A 67 -8.51 -13.03 16.25
N ALA A 68 -7.63 -12.12 15.80
CA ALA A 68 -7.93 -10.70 15.88
C ALA A 68 -9.09 -10.35 14.94
N THR A 69 -9.07 -10.94 13.74
CA THR A 69 -10.18 -10.73 12.79
C THR A 69 -11.49 -11.26 13.39
N ASP A 70 -11.47 -12.49 13.92
CA ASP A 70 -12.64 -13.08 14.59
C ASP A 70 -13.20 -12.19 15.72
N ARG A 71 -12.30 -11.65 16.54
CA ARG A 71 -12.71 -10.76 17.62
C ARG A 71 -13.34 -9.48 17.10
N ARG A 72 -12.81 -8.92 16.02
CA ARG A 72 -13.41 -7.70 15.48
C ARG A 72 -14.82 -7.99 14.96
N ILE A 73 -14.99 -9.14 14.30
CA ILE A 73 -16.30 -9.56 13.77
C ILE A 73 -17.30 -9.70 14.92
N ALA A 74 -16.95 -10.52 15.92
CA ALA A 74 -17.78 -10.74 17.12
C ALA A 74 -18.17 -9.43 17.81
N GLU A 75 -17.22 -8.51 17.94
CA GLU A 75 -17.52 -7.21 18.56
C GLU A 75 -18.39 -6.27 17.72
N ALA A 76 -18.24 -6.31 16.40
CA ALA A 76 -19.00 -5.44 15.50
C ALA A 76 -20.42 -5.92 15.18
N LEU A 77 -20.70 -7.21 15.34
CA LEU A 77 -21.94 -7.83 14.84
C LEU A 77 -23.17 -7.33 15.60
N GLY A 78 -23.08 -7.33 16.92
CA GLY A 78 -24.25 -6.96 17.72
C GLY A 78 -25.44 -7.81 17.31
N ASP A 79 -26.55 -7.16 17.01
CA ASP A 79 -27.80 -7.87 16.69
C ASP A 79 -28.07 -7.98 15.18
N ALA A 80 -27.06 -7.66 14.37
CA ALA A 80 -27.19 -7.67 12.90
C ALA A 80 -27.59 -9.03 12.34
N THR A 81 -28.37 -9.01 11.27
CA THR A 81 -28.76 -10.22 10.55
C THR A 81 -28.63 -9.94 9.06
N GLY A 82 -28.73 -11.00 8.25
CA GLY A 82 -28.79 -10.85 6.80
C GLY A 82 -27.61 -10.08 6.23
N LEU A 83 -27.91 -9.23 5.26
CA LEU A 83 -26.88 -8.47 4.57
C LEU A 83 -26.14 -7.47 5.46
N ASP A 84 -26.81 -6.95 6.49
CA ASP A 84 -26.15 -6.06 7.46
C ASP A 84 -25.00 -6.81 8.15
N ALA A 85 -25.30 -8.02 8.62
CA ALA A 85 -24.29 -8.88 9.26
C ALA A 85 -23.20 -9.30 8.28
N LEU A 86 -23.60 -9.69 7.08
CA LEU A 86 -22.62 -10.04 6.05
C LEU A 86 -21.64 -8.89 5.74
N ARG A 87 -22.16 -7.66 5.60
CA ARG A 87 -21.27 -6.52 5.35
C ARG A 87 -20.30 -6.31 6.51
N ILE A 88 -20.79 -6.47 7.73
CA ILE A 88 -19.95 -6.31 8.93
C ILE A 88 -18.79 -7.32 8.90
N LEU A 89 -19.12 -8.58 8.63
CA LEU A 89 -18.11 -9.64 8.58
C LEU A 89 -17.09 -9.33 7.47
N CYS A 90 -17.59 -9.02 6.28
CA CYS A 90 -16.73 -8.77 5.14
C CYS A 90 -15.77 -7.61 5.35
N ARG A 91 -16.25 -6.54 6.00
CA ARG A 91 -15.40 -5.39 6.27
C ARG A 91 -14.20 -5.72 7.20
N GLU A 92 -14.32 -6.76 8.02
CA GLU A 92 -13.22 -7.17 8.90
C GLU A 92 -12.25 -8.11 8.19
N VAL A 93 -12.77 -8.84 7.21
CA VAL A 93 -11.97 -9.83 6.45
C VAL A 93 -11.18 -9.18 5.30
N MET A 94 -11.82 -8.26 4.56
CA MET A 94 -11.16 -7.57 3.45
C MET A 94 -10.05 -6.60 3.91
N PRO A 95 -8.97 -6.45 3.11
CA PRO A 95 -7.86 -5.59 3.51
C PRO A 95 -8.15 -4.10 3.18
N ILE A 96 -9.14 -3.54 3.87
CA ILE A 96 -9.62 -2.18 3.58
C ILE A 96 -8.93 -1.05 4.39
N ASN A 97 -7.92 -1.40 5.17
CA ASN A 97 -7.14 -0.38 5.88
C ASN A 97 -5.74 -0.92 6.12
N GLU A 98 -4.85 -0.08 6.62
CA GLU A 98 -3.43 -0.49 6.71
C GLU A 98 -3.22 -1.71 7.62
N GLU A 99 -3.91 -1.73 8.77
CA GLU A 99 -3.78 -2.88 9.69
C GLU A 99 -4.20 -4.17 8.99
N GLN A 100 -5.30 -4.08 8.23
CA GLN A 100 -5.81 -5.26 7.52
C GLN A 100 -4.96 -5.66 6.29
N LEU A 101 -4.24 -4.69 5.73
CA LEU A 101 -3.26 -5.02 4.68
C LEU A 101 -2.08 -5.76 5.28
N LEU A 102 -1.68 -5.38 6.51
CA LEU A 102 -0.62 -6.14 7.19
C LEU A 102 -1.10 -7.57 7.45
N GLU A 103 -2.34 -7.72 7.88
CA GLU A 103 -2.95 -9.05 8.03
C GLU A 103 -2.91 -9.84 6.72
N ALA A 104 -3.25 -9.19 5.62
CA ALA A 104 -3.24 -9.82 4.31
C ALA A 104 -1.83 -10.36 3.94
N ARG A 105 -0.80 -9.59 4.29
CA ARG A 105 0.60 -9.98 4.06
C ARG A 105 0.97 -11.26 4.84
N ILE A 106 0.51 -11.36 6.08
CA ILE A 106 0.72 -12.59 6.86
C ILE A 106 -0.01 -13.77 6.20
N ALA A 107 -1.27 -13.58 5.86
CA ALA A 107 -2.05 -14.66 5.26
C ALA A 107 -1.38 -15.15 3.96
N ALA A 108 -1.07 -14.19 3.07
CA ALA A 108 -0.45 -14.52 1.76
C ALA A 108 0.84 -15.32 1.94
N SER A 109 1.57 -15.04 3.01
CA SER A 109 2.84 -15.73 3.28
C SER A 109 2.65 -17.14 3.85
N LEU A 110 1.63 -17.30 4.69
CA LEU A 110 1.32 -18.59 5.32
C LEU A 110 0.75 -19.59 4.28
N TRP A 111 -0.10 -19.10 3.38
CA TRP A 111 -0.83 -19.99 2.45
C TRP A 111 0.02 -21.01 1.67
N PRO A 112 1.07 -20.56 0.95
CA PRO A 112 1.88 -21.54 0.20
C PRO A 112 2.58 -22.54 1.13
N ARG A 113 2.90 -22.13 2.35
CA ARG A 113 3.41 -23.03 3.35
C ARG A 113 2.43 -24.10 3.80
N ALA A 114 1.20 -23.68 4.00
CA ALA A 114 0.11 -24.59 4.33
C ALA A 114 -0.15 -25.62 3.21
N MET A 115 0.22 -25.27 1.97
CA MET A 115 0.01 -26.18 0.84
C MET A 115 0.86 -27.44 0.90
N TYR A 116 1.87 -27.46 1.77
CA TYR A 116 2.82 -28.59 1.87
C TYR A 116 2.92 -29.13 3.30
N ASP A 117 2.03 -28.65 4.19
CA ASP A 117 2.06 -29.01 5.60
C ASP A 117 0.69 -29.07 6.29
N GLU A 118 0.50 -30.10 7.13
CA GLU A 118 -0.75 -30.29 7.88
C GLU A 118 -0.94 -29.35 9.07
N GLN A 119 -0.02 -29.37 10.04
CA GLN A 119 -0.10 -28.44 11.17
C GLN A 119 -0.30 -27.01 10.64
N MET A 120 0.61 -26.52 9.76
CA MET A 120 0.41 -25.21 9.10
C MET A 120 -0.84 -25.02 8.40
N ALA A 121 -1.53 -26.09 8.02
CA ALA A 121 -2.79 -25.96 7.31
C ALA A 121 -3.97 -25.93 8.27
N ALA A 122 -3.86 -26.69 9.35
CA ALA A 122 -4.97 -26.91 10.30
C ALA A 122 -5.71 -25.66 10.73
N THR A 123 -5.00 -24.65 11.23
CA THR A 123 -5.70 -23.43 11.67
C THR A 123 -6.41 -22.74 10.50
N ASN A 124 -5.90 -22.96 9.28
CA ASN A 124 -6.49 -22.33 8.09
C ASN A 124 -7.86 -22.86 7.67
N ARG A 125 -7.98 -24.18 7.50
CA ARG A 125 -9.27 -24.79 7.13
C ARG A 125 -10.35 -24.47 8.15
N ARG A 126 -9.98 -24.41 9.43
CA ARG A 126 -10.95 -24.10 10.49
C ARG A 126 -11.41 -22.65 10.41
N THR A 127 -10.45 -21.73 10.20
CA THR A 127 -10.76 -20.31 10.00
C THR A 127 -11.68 -20.14 8.80
N MET A 128 -11.33 -20.75 7.66
CA MET A 128 -12.16 -20.60 6.44
C MET A 128 -13.55 -21.16 6.68
N ASP A 129 -13.65 -22.34 7.28
CA ASP A 129 -14.96 -22.95 7.53
C ASP A 129 -15.82 -22.16 8.54
N ASN A 130 -15.18 -21.60 9.56
CA ASN A 130 -15.91 -20.74 10.49
C ASN A 130 -16.54 -19.57 9.74
N TRP A 131 -15.78 -18.94 8.85
CA TRP A 131 -16.37 -17.85 8.06
C TRP A 131 -17.44 -18.34 7.11
N ARG A 132 -17.21 -19.47 6.43
CA ARG A 132 -18.24 -20.03 5.55
C ARG A 132 -19.56 -20.23 6.29
N GLU A 133 -19.46 -20.82 7.47
CA GLU A 133 -20.63 -21.11 8.30
C GLU A 133 -21.43 -19.86 8.65
N GLN A 134 -20.74 -18.81 9.07
CA GLN A 134 -21.41 -17.55 9.43
C GLN A 134 -22.01 -16.89 8.18
N MET A 135 -21.22 -16.83 7.12
CA MET A 135 -21.68 -16.26 5.84
C MET A 135 -22.96 -16.96 5.35
N ALA A 136 -23.00 -18.29 5.45
CA ALA A 136 -24.16 -19.06 5.03
C ALA A 136 -25.39 -18.71 5.88
N ILE A 137 -25.19 -18.53 7.18
CA ILE A 137 -26.31 -18.13 8.06
C ILE A 137 -26.84 -16.78 7.59
N PHE A 138 -25.95 -15.83 7.38
CA PHE A 138 -26.34 -14.48 7.01
C PHE A 138 -27.02 -14.46 5.65
N LEU A 139 -26.52 -15.24 4.71
CA LEU A 139 -27.10 -15.26 3.35
C LEU A 139 -28.45 -15.95 3.29
N GLU A 140 -28.64 -16.98 4.12
CA GLU A 140 -29.93 -17.64 4.24
C GLU A 140 -30.95 -16.69 4.88
N GLN A 141 -30.51 -15.93 5.88
CA GLN A 141 -31.34 -14.87 6.48
C GLN A 141 -31.81 -13.87 5.41
N ALA A 142 -30.87 -13.38 4.60
CA ALA A 142 -31.18 -12.46 3.50
C ALA A 142 -32.20 -13.05 2.51
N ARG A 143 -31.97 -14.32 2.16
CA ARG A 143 -32.84 -15.07 1.26
C ARG A 143 -34.28 -15.14 1.82
N GLU A 144 -34.40 -15.38 3.11
CA GLU A 144 -35.73 -15.46 3.74
C GLU A 144 -36.38 -14.08 3.95
N GLU A 145 -35.53 -13.06 4.12
CA GLU A 145 -35.96 -11.66 4.28
C GLU A 145 -36.37 -11.05 2.93
N GLY A 146 -35.87 -11.62 1.84
CA GLY A 146 -36.08 -11.09 0.50
C GLY A 146 -35.14 -9.94 0.11
N SER A 147 -34.01 -9.80 0.81
CA SER A 147 -33.00 -8.80 0.43
C SER A 147 -32.09 -9.30 -0.69
N VAL A 148 -32.18 -10.60 -0.97
CA VAL A 148 -31.58 -11.22 -2.14
C VAL A 148 -32.62 -12.16 -2.75
N GLY A 149 -32.38 -12.63 -3.97
CA GLY A 149 -33.34 -13.54 -4.61
C GLY A 149 -33.16 -14.95 -4.06
N ASP A 150 -33.71 -15.93 -4.80
CA ASP A 150 -33.62 -17.33 -4.41
C ASP A 150 -32.23 -17.87 -4.77
N ILE A 151 -31.23 -17.43 -4.02
CA ILE A 151 -29.84 -17.74 -4.34
C ILE A 151 -29.45 -19.15 -3.90
N ASP A 152 -28.41 -19.66 -4.54
CA ASP A 152 -27.75 -20.90 -4.13
C ASP A 152 -26.74 -20.49 -3.05
N VAL A 153 -27.14 -20.62 -1.79
CA VAL A 153 -26.34 -20.09 -0.67
C VAL A 153 -24.91 -20.67 -0.63
N THR A 154 -24.77 -21.98 -0.80
CA THR A 154 -23.43 -22.59 -0.77
C THR A 154 -22.46 -21.99 -1.81
N ILE A 155 -22.95 -21.83 -3.04
CA ILE A 155 -22.17 -21.25 -4.14
C ILE A 155 -21.89 -19.75 -3.92
N VAL A 156 -22.89 -19.00 -3.44
CA VAL A 156 -22.69 -17.57 -3.15
C VAL A 156 -21.64 -17.35 -2.04
N VAL A 157 -21.73 -18.14 -0.98
CA VAL A 157 -20.70 -18.12 0.06
C VAL A 157 -19.30 -18.35 -0.56
N GLU A 158 -19.18 -19.34 -1.43
CA GLU A 158 -17.88 -19.67 -2.03
C GLU A 158 -17.40 -18.55 -2.94
N GLN A 159 -18.31 -17.96 -3.71
CA GLN A 159 -17.96 -16.82 -4.56
C GLN A 159 -17.35 -15.70 -3.71
N LEU A 160 -18.05 -15.34 -2.63
CA LEU A 160 -17.66 -14.21 -1.80
C LEU A 160 -16.35 -14.47 -1.06
N LEU A 161 -16.25 -15.67 -0.48
CA LEU A 161 -15.06 -16.08 0.22
C LEU A 161 -13.87 -16.06 -0.74
N ASN A 162 -14.00 -16.66 -1.91
CA ASN A 162 -12.90 -16.60 -2.89
C ASN A 162 -12.54 -15.19 -3.28
N MET A 163 -13.55 -14.33 -3.50
CA MET A 163 -13.29 -12.93 -3.84
C MET A 163 -12.48 -12.23 -2.76
N MET A 164 -12.86 -12.44 -1.50
CA MET A 164 -12.14 -11.81 -0.37
C MET A 164 -10.74 -12.40 -0.16
N MET A 165 -10.56 -13.67 -0.49
CA MET A 165 -9.21 -14.23 -0.37
C MET A 165 -8.31 -13.65 -1.48
N GLY A 166 -8.84 -13.50 -2.69
CA GLY A 166 -8.13 -12.82 -3.78
C GLY A 166 -7.73 -11.40 -3.42
N MET A 167 -8.61 -10.71 -2.67
CA MET A 167 -8.32 -9.35 -2.22
C MET A 167 -7.09 -9.28 -1.33
N GLN A 168 -6.82 -10.35 -0.59
CA GLN A 168 -5.64 -10.34 0.29
C GLN A 168 -4.39 -10.24 -0.57
N ILE A 169 -4.47 -10.81 -1.77
CA ILE A 169 -3.34 -10.77 -2.70
C ILE A 169 -3.30 -9.43 -3.44
N LEU A 170 -4.40 -9.10 -4.14
CA LEU A 170 -4.44 -7.94 -5.03
C LEU A 170 -4.56 -6.60 -4.30
N GLY A 171 -5.23 -6.59 -3.16
CA GLY A 171 -5.29 -5.38 -2.32
C GLY A 171 -3.87 -4.96 -1.95
N VAL A 172 -2.98 -5.94 -1.79
CA VAL A 172 -1.57 -5.67 -1.49
C VAL A 172 -0.73 -5.38 -2.74
N LEU A 173 -0.83 -6.27 -3.73
CA LEU A 173 0.03 -6.25 -4.91
C LEU A 173 -0.40 -5.27 -6.02
N THR A 174 -1.70 -4.98 -6.09
CA THR A 174 -2.20 -4.03 -7.09
C THR A 174 -3.10 -3.00 -6.39
N PRO A 175 -2.52 -2.19 -5.48
CA PRO A 175 -3.34 -1.34 -4.61
C PRO A 175 -4.02 -0.16 -5.32
N GLY A 176 -3.57 0.18 -6.52
CA GLY A 176 -4.30 1.14 -7.36
C GLY A 176 -5.63 0.57 -7.83
N GLU A 177 -5.58 -0.62 -8.43
CA GLU A 177 -6.76 -1.27 -8.99
C GLU A 177 -7.62 -1.94 -7.92
N THR A 178 -7.00 -2.22 -6.77
CA THR A 178 -7.72 -2.94 -5.73
C THR A 178 -7.63 -2.17 -4.42
N SER A 179 -7.90 -0.88 -4.53
CA SER A 179 -7.87 0.04 -3.40
C SER A 179 -8.99 -0.26 -2.40
N SER A 180 -8.89 0.33 -1.22
CA SER A 180 -9.92 0.14 -0.20
C SER A 180 -11.30 0.52 -0.73
N GLU A 181 -11.38 1.69 -1.37
CA GLU A 181 -12.64 2.12 -1.94
C GLU A 181 -13.19 1.13 -3.00
N ARG A 182 -12.32 0.63 -3.86
CA ARG A 182 -12.71 -0.35 -4.89
C ARG A 182 -13.21 -1.65 -4.23
N GLN A 183 -12.56 -2.07 -3.14
CA GLN A 183 -12.96 -3.30 -2.47
C GLN A 183 -14.40 -3.16 -1.95
N LEU A 184 -14.68 -2.01 -1.35
CA LEU A 184 -15.99 -1.76 -0.79
C LEU A 184 -17.07 -1.71 -1.88
N GLU A 185 -16.72 -1.11 -3.01
CA GLU A 185 -17.61 -1.08 -4.19
C GLU A 185 -17.83 -2.48 -4.76
N MET A 186 -16.78 -3.28 -4.84
CA MET A 186 -16.90 -4.68 -5.29
C MET A 186 -17.88 -5.44 -4.39
N LEU A 187 -17.77 -5.27 -3.07
CA LEU A 187 -18.73 -5.90 -2.16
C LEU A 187 -20.16 -5.41 -2.41
N GLU A 188 -20.34 -4.10 -2.50
CA GLU A 188 -21.69 -3.53 -2.68
C GLU A 188 -22.35 -4.02 -3.96
N GLN A 189 -21.61 -4.01 -5.06
CA GLN A 189 -22.17 -4.39 -6.33
C GLN A 189 -22.43 -5.89 -6.36
N PHE A 190 -21.57 -6.66 -5.71
CA PHE A 190 -21.79 -8.10 -5.62
C PHE A 190 -23.14 -8.39 -4.93
N VAL A 191 -23.34 -7.82 -3.74
CA VAL A 191 -24.57 -8.08 -2.99
C VAL A 191 -25.82 -7.54 -3.69
N ALA A 192 -25.67 -6.43 -4.41
CA ALA A 192 -26.75 -5.87 -5.24
C ALA A 192 -27.22 -6.80 -6.35
N ALA A 193 -26.27 -7.59 -6.88
CA ALA A 193 -26.54 -8.54 -7.96
C ALA A 193 -27.26 -9.81 -7.50
N LEU A 194 -27.33 -10.02 -6.18
CA LEU A 194 -27.94 -11.23 -5.62
C LEU A 194 -29.45 -11.11 -5.47
N GLY B 1 28.26 -12.70 -29.23
CA GLY B 1 27.24 -11.86 -29.93
C GLY B 1 25.81 -12.33 -29.71
N VAL B 2 24.95 -12.01 -30.68
CA VAL B 2 23.54 -12.34 -30.56
C VAL B 2 23.27 -13.86 -30.45
N PRO B 3 23.89 -14.70 -31.31
CA PRO B 3 23.62 -16.14 -31.15
C PRO B 3 23.89 -16.66 -29.73
N LYS B 4 24.97 -16.18 -29.11
CA LYS B 4 25.28 -16.59 -27.73
C LYS B 4 24.20 -16.15 -26.74
N LEU B 5 23.69 -14.92 -26.89
CA LEU B 5 22.61 -14.42 -26.03
C LEU B 5 21.32 -15.19 -26.23
N VAL B 6 21.00 -15.51 -27.48
CA VAL B 6 19.83 -16.33 -27.80
C VAL B 6 19.97 -17.72 -27.16
N ASP B 7 21.16 -18.32 -27.28
CA ASP B 7 21.41 -19.64 -26.68
C ASP B 7 21.19 -19.61 -25.18
N HIS B 8 21.75 -18.59 -24.54
CA HIS B 8 21.62 -18.38 -23.11
C HIS B 8 20.14 -18.26 -22.69
N ASP B 9 19.37 -17.44 -23.41
CA ASP B 9 17.95 -17.27 -23.13
C ASP B 9 17.14 -18.54 -23.37
N GLU B 10 17.47 -19.27 -24.44
CA GLU B 10 16.79 -20.53 -24.75
C GLU B 10 17.04 -21.53 -23.63
N ARG B 11 18.27 -21.56 -23.13
CA ARG B 11 18.60 -22.47 -22.03
C ARG B 11 17.84 -22.15 -20.76
N ARG B 12 17.74 -20.86 -20.42
CA ARG B 12 16.94 -20.45 -19.26
C ARG B 12 15.50 -20.90 -19.41
N ARG B 13 14.94 -20.71 -20.61
CA ARG B 13 13.56 -21.16 -20.87
C ARG B 13 13.38 -22.68 -20.71
N SER B 14 14.36 -23.44 -21.21
CA SER B 14 14.34 -24.90 -21.10
C SER B 14 14.44 -25.38 -19.67
N ILE B 15 15.34 -24.77 -18.90
CA ILE B 15 15.51 -25.09 -17.48
C ILE B 15 14.20 -24.78 -16.74
N THR B 16 13.63 -23.60 -16.99
CA THR B 16 12.37 -23.21 -16.37
C THR B 16 11.28 -24.24 -16.69
N ALA B 17 11.16 -24.62 -17.96
CA ALA B 17 10.18 -25.61 -18.37
C ALA B 17 10.40 -26.95 -17.66
N ALA B 18 11.65 -27.28 -17.38
CA ALA B 18 12.02 -28.54 -16.69
C ALA B 18 11.86 -28.47 -15.17
N ALA B 19 11.75 -27.26 -14.62
CA ALA B 19 11.81 -27.05 -13.17
C ALA B 19 10.47 -26.70 -12.54
N TRP B 20 9.57 -26.13 -13.33
CA TRP B 20 8.41 -25.48 -12.72
C TRP B 20 7.51 -26.48 -11.98
N ARG B 21 7.32 -27.67 -12.55
CA ARG B 21 6.49 -28.67 -11.85
C ARG B 21 7.09 -29.12 -10.52
N LEU B 22 8.41 -29.23 -10.46
CA LEU B 22 9.09 -29.59 -9.21
C LEU B 22 8.85 -28.51 -8.16
N ILE B 23 8.96 -27.26 -8.60
CA ILE B 23 8.72 -26.14 -7.68
C ILE B 23 7.26 -26.12 -7.20
N ALA B 24 6.31 -26.30 -8.11
CA ALA B 24 4.89 -26.38 -7.75
C ALA B 24 4.62 -27.55 -6.80
N ALA B 25 5.22 -28.71 -7.07
CA ALA B 25 4.93 -29.95 -6.34
C ALA B 25 5.48 -29.99 -4.92
N ARG B 26 6.70 -29.45 -4.73
CA ARG B 26 7.29 -29.46 -3.38
C ARG B 26 7.31 -28.11 -2.69
N GLY B 27 7.03 -27.04 -3.44
CA GLY B 27 7.10 -25.67 -2.91
C GLY B 27 8.50 -25.10 -2.96
N ILE B 28 8.60 -23.77 -3.03
CA ILE B 28 9.90 -23.11 -3.21
C ILE B 28 10.82 -23.28 -1.99
N GLU B 29 10.24 -23.42 -0.81
CA GLU B 29 11.05 -23.59 0.41
C GLU B 29 11.81 -24.90 0.39
N ALA B 30 11.12 -25.99 0.08
CA ALA B 30 11.71 -27.32 0.02
C ALA B 30 12.57 -27.54 -1.22
N ALA B 31 12.19 -26.91 -2.32
CA ALA B 31 13.01 -26.92 -3.54
C ALA B 31 14.38 -26.30 -3.26
N ASN B 32 15.41 -26.86 -3.86
CA ASN B 32 16.74 -26.28 -3.84
C ASN B 32 17.39 -26.40 -5.22
N MET B 33 18.49 -25.68 -5.44
CA MET B 33 19.13 -25.63 -6.76
C MET B 33 19.76 -26.95 -7.24
N ARG B 34 20.18 -27.80 -6.31
CA ARG B 34 20.72 -29.11 -6.67
C ARG B 34 19.63 -29.95 -7.33
N ASP B 35 18.44 -29.94 -6.72
CA ASP B 35 17.29 -30.71 -7.20
C ASP B 35 16.74 -30.17 -8.52
N ILE B 36 16.70 -28.85 -8.65
CA ILE B 36 16.35 -28.20 -9.92
C ILE B 36 17.35 -28.58 -11.03
N ALA B 37 18.64 -28.47 -10.73
CA ALA B 37 19.70 -28.92 -11.64
C ALA B 37 19.47 -30.37 -12.12
N THR B 38 19.22 -31.29 -11.20
CA THR B 38 19.05 -32.70 -11.60
C THR B 38 17.83 -32.91 -12.50
N GLU B 39 16.74 -32.19 -12.23
CA GLU B 39 15.53 -32.33 -13.06
C GLU B 39 15.69 -31.72 -14.45
N ALA B 40 16.65 -30.81 -14.59
CA ALA B 40 16.93 -30.18 -15.88
C ALA B 40 18.08 -30.88 -16.63
N GLY B 41 18.72 -31.84 -15.97
CA GLY B 41 19.84 -32.56 -16.57
C GLY B 41 21.16 -31.79 -16.57
N TYR B 42 21.29 -30.83 -15.66
CA TYR B 42 22.50 -29.99 -15.54
C TYR B 42 23.30 -30.32 -14.28
N THR B 43 24.59 -29.96 -14.27
CA THR B 43 25.35 -29.91 -12.99
C THR B 43 25.05 -28.57 -12.28
N ASN B 44 25.31 -28.53 -10.97
CA ASN B 44 25.13 -27.28 -10.22
C ASN B 44 26.03 -26.15 -10.70
N GLY B 45 27.27 -26.49 -11.04
CA GLY B 45 28.21 -25.55 -11.63
C GLY B 45 27.59 -24.93 -12.87
N ALA B 46 27.14 -25.78 -13.79
CA ALA B 46 26.54 -25.30 -15.05
C ALA B 46 25.28 -24.48 -14.83
N LEU B 47 24.42 -24.90 -13.89
CA LEU B 47 23.16 -24.18 -13.64
C LEU B 47 23.39 -22.74 -13.16
N SER B 48 24.45 -22.54 -12.37
CA SER B 48 24.79 -21.21 -11.82
C SER B 48 25.16 -20.19 -12.89
N HIS B 49 25.36 -20.65 -14.13
CA HIS B 49 25.62 -19.74 -15.24
C HIS B 49 24.35 -19.13 -15.82
N TYR B 50 23.20 -19.71 -15.47
CA TYR B 50 21.92 -19.28 -16.03
C TYR B 50 21.01 -18.66 -14.99
N PHE B 51 21.10 -19.15 -13.76
CA PHE B 51 20.28 -18.64 -12.66
C PHE B 51 21.10 -18.44 -11.39
N ALA B 52 20.87 -17.30 -10.75
CA ALA B 52 21.53 -16.91 -9.48
C ALA B 52 21.02 -17.67 -8.26
N GLY B 53 19.75 -18.04 -8.28
CA GLY B 53 19.15 -18.74 -7.15
C GLY B 53 17.75 -19.21 -7.49
N LYS B 54 17.11 -19.88 -6.55
CA LYS B 54 15.80 -20.47 -6.80
C LYS B 54 14.68 -19.44 -6.95
N ASP B 55 14.82 -18.27 -6.33
CA ASP B 55 13.81 -17.23 -6.46
C ASP B 55 13.65 -16.71 -7.88
N GLU B 56 14.77 -16.59 -8.60
CA GLU B 56 14.69 -16.22 -10.00
C GLU B 56 13.99 -17.31 -10.81
N ILE B 57 14.25 -18.57 -10.48
CA ILE B 57 13.57 -19.67 -11.19
C ILE B 57 12.07 -19.67 -10.86
N LEU B 58 11.71 -19.28 -9.63
CA LEU B 58 10.30 -19.14 -9.30
C LEU B 58 9.69 -18.06 -10.19
N ARG B 59 10.38 -16.93 -10.34
CA ARG B 59 9.87 -15.86 -11.18
C ARG B 59 9.68 -16.28 -12.63
N THR B 60 10.69 -16.93 -13.21
CA THR B 60 10.56 -17.39 -14.59
C THR B 60 9.51 -18.50 -14.73
N SER B 61 9.36 -19.33 -13.70
CA SER B 61 8.27 -20.35 -13.65
C SER B 61 6.91 -19.67 -13.74
N TYR B 62 6.73 -18.58 -13.00
CA TYR B 62 5.49 -17.82 -13.08
C TYR B 62 5.27 -17.25 -14.50
N GLU B 63 6.33 -16.71 -15.11
CA GLU B 63 6.24 -16.20 -16.48
C GLU B 63 5.85 -17.35 -17.43
N HIS B 64 6.45 -18.53 -17.21
CA HIS B 64 6.20 -19.71 -18.02
C HIS B 64 4.71 -20.09 -17.99
N ILE B 65 4.16 -20.22 -16.79
CA ILE B 65 2.73 -20.56 -16.64
C ILE B 65 1.80 -19.46 -17.17
N SER B 66 2.20 -18.19 -17.03
CA SER B 66 1.42 -17.08 -17.59
C SER B 66 1.36 -17.14 -19.11
N GLU B 67 2.51 -17.35 -19.72
CA GLU B 67 2.61 -17.57 -21.17
C GLU B 67 1.80 -18.80 -21.62
N ALA B 68 1.93 -19.91 -20.90
CA ALA B 68 1.16 -21.14 -21.19
C ALA B 68 -0.36 -20.90 -21.13
N THR B 69 -0.81 -20.21 -20.08
CA THR B 69 -2.22 -19.85 -19.96
C THR B 69 -2.70 -18.95 -21.11
N ASP B 70 -1.89 -17.94 -21.45
CA ASP B 70 -2.27 -17.01 -22.52
C ASP B 70 -2.41 -17.72 -23.87
N ARG B 71 -1.54 -18.69 -24.10
CA ARG B 71 -1.60 -19.53 -25.30
C ARG B 71 -2.90 -20.32 -25.33
N ARG B 72 -3.26 -20.94 -24.20
CA ARG B 72 -4.51 -21.70 -24.12
C ARG B 72 -5.73 -20.82 -24.42
N ILE B 73 -5.74 -19.60 -23.88
CA ILE B 73 -6.80 -18.63 -24.14
C ILE B 73 -6.87 -18.27 -25.63
N ALA B 74 -5.73 -17.88 -26.20
CA ALA B 74 -5.65 -17.47 -27.60
C ALA B 74 -6.17 -18.55 -28.55
N GLU B 75 -5.75 -19.79 -28.31
CA GLU B 75 -6.16 -20.94 -29.11
C GLU B 75 -7.66 -21.24 -28.99
N ALA B 76 -8.21 -21.12 -27.79
CA ALA B 76 -9.60 -21.52 -27.53
C ALA B 76 -10.64 -20.46 -27.89
N LEU B 77 -10.21 -19.20 -28.02
CA LEU B 77 -11.12 -18.08 -28.27
C LEU B 77 -11.89 -18.17 -29.59
N GLY B 78 -11.17 -18.34 -30.70
CA GLY B 78 -11.78 -18.32 -32.03
C GLY B 78 -12.58 -17.04 -32.27
N ASP B 79 -13.85 -17.20 -32.62
CA ASP B 79 -14.73 -16.05 -32.91
C ASP B 79 -15.59 -15.60 -31.74
N ALA B 80 -15.23 -16.03 -30.53
CA ALA B 80 -16.01 -15.71 -29.34
C ALA B 80 -15.87 -14.24 -28.94
N THR B 81 -16.98 -13.66 -28.52
CA THR B 81 -17.00 -12.28 -28.03
C THR B 81 -17.87 -12.23 -26.77
N GLY B 82 -17.78 -11.14 -26.03
CA GLY B 82 -18.70 -10.91 -24.91
C GLY B 82 -18.62 -11.97 -23.85
N LEU B 83 -19.78 -12.39 -23.34
CA LEU B 83 -19.82 -13.36 -22.23
C LEU B 83 -19.19 -14.71 -22.61
N ASP B 84 -19.33 -15.12 -23.86
CA ASP B 84 -18.73 -16.37 -24.35
C ASP B 84 -17.20 -16.36 -24.30
N ALA B 85 -16.62 -15.23 -24.72
CA ALA B 85 -15.19 -15.07 -24.66
C ALA B 85 -14.76 -15.04 -23.20
N LEU B 86 -15.53 -14.34 -22.37
CA LEU B 86 -15.19 -14.23 -20.94
C LEU B 86 -15.10 -15.61 -20.27
N ARG B 87 -16.08 -16.46 -20.55
CA ARG B 87 -16.10 -17.82 -20.01
C ARG B 87 -14.87 -18.62 -20.42
N ILE B 88 -14.46 -18.44 -21.66
CA ILE B 88 -13.31 -19.16 -22.21
C ILE B 88 -12.01 -18.80 -21.48
N LEU B 89 -11.80 -17.50 -21.27
CA LEU B 89 -10.63 -17.00 -20.54
C LEU B 89 -10.64 -17.57 -19.12
N CYS B 90 -11.80 -17.49 -18.47
CA CYS B 90 -11.90 -17.87 -17.06
C CYS B 90 -11.57 -19.34 -16.85
N ARG B 91 -12.01 -20.20 -17.76
CA ARG B 91 -11.69 -21.63 -17.67
C ARG B 91 -10.20 -21.96 -17.75
N GLU B 92 -9.41 -21.08 -18.36
CA GLU B 92 -7.97 -21.29 -18.46
C GLU B 92 -7.23 -20.76 -17.23
N VAL B 93 -7.83 -19.77 -16.58
CA VAL B 93 -7.22 -19.11 -15.42
C VAL B 93 -7.52 -19.84 -14.10
N MET B 94 -8.75 -20.31 -13.93
CA MET B 94 -9.19 -21.03 -12.73
C MET B 94 -8.50 -22.40 -12.60
N PRO B 95 -8.20 -22.87 -11.38
CA PRO B 95 -7.54 -24.19 -11.21
C PRO B 95 -8.53 -25.38 -11.26
N ILE B 96 -9.11 -25.61 -12.45
CA ILE B 96 -10.20 -26.58 -12.60
C ILE B 96 -9.73 -27.97 -13.02
N ASN B 97 -8.41 -28.14 -13.14
CA ASN B 97 -7.84 -29.46 -13.39
C ASN B 97 -6.45 -29.55 -12.73
N GLU B 98 -5.86 -30.72 -12.81
CA GLU B 98 -4.69 -31.04 -12.09
C GLU B 98 -3.48 -30.20 -12.47
N GLU B 99 -3.33 -29.99 -13.73
CA GLU B 99 -2.28 -29.11 -14.19
C GLU B 99 -2.45 -27.68 -13.76
N GLN B 100 -3.65 -27.18 -13.85
CA GLN B 100 -3.97 -25.86 -13.41
C GLN B 100 -3.87 -25.68 -11.90
N LEU B 101 -4.01 -26.76 -11.12
CA LEU B 101 -3.70 -26.74 -9.67
C LEU B 101 -2.20 -26.60 -9.43
N LEU B 102 -1.39 -27.24 -10.27
CA LEU B 102 0.06 -26.97 -10.22
C LEU B 102 0.38 -25.50 -10.51
N GLU B 103 -0.21 -24.93 -11.56
CA GLU B 103 -0.03 -23.50 -11.87
C GLU B 103 -0.42 -22.61 -10.67
N ALA B 104 -1.53 -22.97 -10.04
CA ALA B 104 -2.02 -22.28 -8.85
C ALA B 104 -0.95 -22.23 -7.75
N ARG B 105 -0.24 -23.34 -7.56
CA ARG B 105 0.80 -23.43 -6.53
C ARG B 105 2.01 -22.52 -6.83
N ILE B 106 2.36 -22.40 -8.10
CA ILE B 106 3.38 -21.41 -8.51
C ILE B 106 2.96 -19.99 -8.14
N ALA B 107 1.73 -19.63 -8.51
CA ALA B 107 1.21 -18.30 -8.19
C ALA B 107 1.26 -18.03 -6.67
N ALA B 108 0.81 -19.02 -5.90
CA ALA B 108 0.70 -18.88 -4.44
C ALA B 108 2.08 -18.70 -3.80
N SER B 109 3.09 -19.34 -4.39
CA SER B 109 4.47 -19.19 -3.89
C SER B 109 5.07 -17.84 -4.27
N LEU B 110 4.78 -17.38 -5.48
CA LEU B 110 5.36 -16.13 -5.92
C LEU B 110 4.74 -14.92 -5.23
N TRP B 111 3.43 -14.96 -5.02
CA TRP B 111 2.74 -13.76 -4.47
C TRP B 111 3.41 -13.14 -3.23
N PRO B 112 3.61 -13.94 -2.14
CA PRO B 112 4.20 -13.32 -0.94
C PRO B 112 5.64 -12.87 -1.13
N ARG B 113 6.37 -13.47 -2.05
CA ARG B 113 7.72 -13.00 -2.36
C ARG B 113 7.66 -11.67 -3.15
N ALA B 114 6.68 -11.56 -4.06
CA ALA B 114 6.43 -10.33 -4.84
C ALA B 114 6.08 -9.15 -3.93
N MET B 115 5.52 -9.46 -2.77
CA MET B 115 5.16 -8.43 -1.78
C MET B 115 6.40 -7.74 -1.16
N TYR B 116 7.59 -8.28 -1.45
CA TYR B 116 8.88 -7.77 -0.92
C TYR B 116 9.97 -7.77 -1.98
N ASP B 117 9.57 -7.91 -3.25
CA ASP B 117 10.55 -7.90 -4.35
C ASP B 117 9.99 -7.20 -5.60
N GLU B 118 10.66 -6.12 -6.02
CA GLU B 118 10.17 -5.30 -7.16
C GLU B 118 10.02 -6.06 -8.48
N GLN B 119 11.01 -6.88 -8.82
CA GLN B 119 10.97 -7.68 -10.07
C GLN B 119 9.80 -8.65 -10.12
N MET B 120 9.59 -9.37 -9.01
CA MET B 120 8.47 -10.33 -8.91
C MET B 120 7.13 -9.62 -8.90
N ALA B 121 7.05 -8.50 -8.19
CA ALA B 121 5.87 -7.64 -8.23
C ALA B 121 5.58 -7.22 -9.68
N ALA B 122 6.61 -6.82 -10.42
CA ALA B 122 6.43 -6.35 -11.81
C ALA B 122 5.92 -7.50 -12.71
N THR B 123 6.49 -8.67 -12.53
CA THR B 123 6.10 -9.87 -13.26
C THR B 123 4.61 -10.16 -13.01
N ASN B 124 4.21 -10.14 -11.75
CA ASN B 124 2.80 -10.36 -11.40
C ASN B 124 1.88 -9.28 -12.02
N ARG B 125 2.28 -8.02 -11.92
CA ARG B 125 1.43 -6.93 -12.44
C ARG B 125 1.16 -7.07 -13.94
N ARG B 126 2.18 -7.47 -14.68
CA ARG B 126 2.05 -7.69 -16.13
C ARG B 126 0.98 -8.71 -16.46
N THR B 127 0.97 -9.82 -15.70
CA THR B 127 -0.01 -10.87 -15.90
C THR B 127 -1.41 -10.41 -15.49
N MET B 128 -1.53 -9.83 -14.30
CA MET B 128 -2.83 -9.33 -13.84
C MET B 128 -3.39 -8.28 -14.80
N ASP B 129 -2.54 -7.37 -15.28
CA ASP B 129 -3.04 -6.31 -16.17
C ASP B 129 -3.47 -6.84 -17.53
N ASN B 130 -2.75 -7.85 -18.03
CA ASN B 130 -3.16 -8.48 -19.30
C ASN B 130 -4.56 -9.06 -19.17
N TRP B 131 -4.79 -9.77 -18.07
CA TRP B 131 -6.12 -10.36 -17.86
C TRP B 131 -7.20 -9.32 -17.61
N ARG B 132 -6.89 -8.27 -16.85
CA ARG B 132 -7.87 -7.19 -16.65
C ARG B 132 -8.27 -6.58 -18.00
N GLU B 133 -7.28 -6.35 -18.85
CA GLU B 133 -7.53 -5.73 -20.14
C GLU B 133 -8.42 -6.60 -21.04
N GLN B 134 -8.09 -7.89 -21.14
CA GLN B 134 -8.91 -8.82 -21.92
C GLN B 134 -10.34 -8.90 -21.39
N MET B 135 -10.47 -9.04 -20.08
CA MET B 135 -11.79 -9.19 -19.44
C MET B 135 -12.65 -7.95 -19.67
N ALA B 136 -12.04 -6.77 -19.61
CA ALA B 136 -12.76 -5.51 -19.83
C ALA B 136 -13.31 -5.42 -21.27
N ILE B 137 -12.53 -5.88 -22.23
CA ILE B 137 -12.95 -5.89 -23.63
C ILE B 137 -14.21 -6.74 -23.77
N PHE B 138 -14.18 -7.95 -23.20
CA PHE B 138 -15.31 -8.86 -23.33
C PHE B 138 -16.59 -8.33 -22.66
N LEU B 139 -16.42 -7.66 -21.52
CA LEU B 139 -17.58 -7.15 -20.79
C LEU B 139 -18.15 -5.90 -21.45
N GLU B 140 -17.29 -5.09 -22.05
CA GLU B 140 -17.79 -3.98 -22.89
C GLU B 140 -18.56 -4.52 -24.08
N GLN B 141 -18.00 -5.55 -24.73
CA GLN B 141 -18.69 -6.26 -25.81
C GLN B 141 -20.06 -6.77 -25.37
N ALA B 142 -20.16 -7.34 -24.17
CA ALA B 142 -21.45 -7.79 -23.64
C ALA B 142 -22.46 -6.64 -23.53
N ARG B 143 -22.00 -5.52 -22.97
CA ARG B 143 -22.83 -4.31 -22.88
C ARG B 143 -23.30 -3.84 -24.25
N GLU B 144 -22.38 -3.79 -25.21
CA GLU B 144 -22.68 -3.37 -26.59
C GLU B 144 -23.64 -4.34 -27.29
N GLU B 145 -23.53 -5.62 -26.94
CA GLU B 145 -24.38 -6.67 -27.51
C GLU B 145 -25.75 -6.78 -26.83
N GLY B 146 -25.88 -6.12 -25.68
CA GLY B 146 -27.14 -6.10 -24.95
C GLY B 146 -27.44 -7.39 -24.20
N SER B 147 -26.38 -8.13 -23.86
CA SER B 147 -26.51 -9.40 -23.14
C SER B 147 -26.39 -9.25 -21.63
N VAL B 148 -25.96 -8.06 -21.18
CA VAL B 148 -25.91 -7.74 -19.75
C VAL B 148 -26.69 -6.46 -19.50
N GLY B 149 -27.04 -6.23 -18.23
CA GLY B 149 -27.59 -4.96 -17.81
C GLY B 149 -26.56 -3.84 -17.85
N ASP B 150 -26.83 -2.77 -17.10
CA ASP B 150 -25.97 -1.60 -17.13
C ASP B 150 -24.81 -1.79 -16.14
N ILE B 151 -23.92 -2.74 -16.47
CA ILE B 151 -22.85 -3.14 -15.54
C ILE B 151 -21.68 -2.17 -15.50
N ASP B 152 -21.03 -2.11 -14.34
CA ASP B 152 -19.83 -1.32 -14.12
C ASP B 152 -18.67 -2.23 -14.48
N VAL B 153 -18.15 -2.07 -15.69
CA VAL B 153 -17.15 -2.99 -16.24
C VAL B 153 -15.89 -3.07 -15.37
N THR B 154 -15.39 -1.93 -14.94
CA THR B 154 -14.19 -1.90 -14.12
C THR B 154 -14.37 -2.73 -12.83
N ILE B 155 -15.50 -2.53 -12.16
CA ILE B 155 -15.76 -3.23 -10.90
C ILE B 155 -15.99 -4.73 -11.13
N VAL B 156 -16.73 -5.06 -12.18
CA VAL B 156 -17.03 -6.47 -12.47
C VAL B 156 -15.75 -7.23 -12.85
N VAL B 157 -14.85 -6.58 -13.61
CA VAL B 157 -13.55 -7.17 -13.90
C VAL B 157 -12.83 -7.48 -12.59
N GLU B 158 -12.83 -6.50 -11.68
CA GLU B 158 -12.10 -6.66 -10.43
C GLU B 158 -12.72 -7.77 -9.58
N GLN B 159 -14.04 -7.82 -9.52
CA GLN B 159 -14.75 -8.88 -8.80
C GLN B 159 -14.29 -10.25 -9.26
N LEU B 160 -14.34 -10.44 -10.57
CA LEU B 160 -14.09 -11.74 -11.16
C LEU B 160 -12.62 -12.12 -11.06
N LEU B 161 -11.73 -11.14 -11.27
CA LEU B 161 -10.31 -11.40 -11.14
C LEU B 161 -9.96 -11.79 -9.69
N ASN B 162 -10.47 -11.04 -8.73
CA ASN B 162 -10.20 -11.37 -7.32
C ASN B 162 -10.73 -12.76 -6.96
N MET B 163 -11.92 -13.08 -7.47
CA MET B 163 -12.52 -14.38 -7.20
C MET B 163 -11.59 -15.48 -7.74
N MET B 164 -11.12 -15.30 -8.97
CA MET B 164 -10.26 -16.31 -9.61
C MET B 164 -8.91 -16.44 -8.92
N MET B 165 -8.38 -15.33 -8.37
CA MET B 165 -7.12 -15.41 -7.64
C MET B 165 -7.30 -16.11 -6.29
N GLY B 166 -8.41 -15.82 -5.60
CA GLY B 166 -8.75 -16.59 -4.39
C GLY B 166 -8.82 -18.08 -4.65
N MET B 167 -9.38 -18.47 -5.80
CA MET B 167 -9.50 -19.89 -6.17
C MET B 167 -8.11 -20.55 -6.25
N GLN B 168 -7.09 -19.78 -6.60
CA GLN B 168 -5.73 -20.37 -6.69
C GLN B 168 -5.31 -20.89 -5.31
N ILE B 169 -5.74 -20.18 -4.27
CA ILE B 169 -5.45 -20.56 -2.88
C ILE B 169 -6.38 -21.69 -2.41
N LEU B 170 -7.68 -21.42 -2.46
CA LEU B 170 -8.69 -22.34 -1.90
C LEU B 170 -8.86 -23.64 -2.71
N GLY B 171 -8.62 -23.57 -4.02
CA GLY B 171 -8.66 -24.77 -4.88
C GLY B 171 -7.69 -25.83 -4.41
N VAL B 172 -6.62 -25.36 -3.77
CA VAL B 172 -5.60 -26.22 -3.21
C VAL B 172 -5.85 -26.49 -1.73
N LEU B 173 -6.14 -25.43 -0.97
CA LEU B 173 -6.23 -25.56 0.49
C LEU B 173 -7.56 -26.13 1.02
N THR B 174 -8.65 -25.89 0.28
CA THR B 174 -9.97 -26.42 0.65
C THR B 174 -10.62 -27.05 -0.57
N PRO B 175 -10.05 -28.16 -1.07
CA PRO B 175 -10.42 -28.72 -2.36
C PRO B 175 -11.83 -29.34 -2.40
N GLY B 176 -12.41 -29.63 -1.24
CA GLY B 176 -13.79 -30.10 -1.17
C GLY B 176 -14.78 -28.97 -1.49
N GLU B 177 -14.66 -27.87 -0.75
CA GLU B 177 -15.52 -26.72 -0.95
C GLU B 177 -15.22 -25.94 -2.22
N THR B 178 -13.98 -26.06 -2.70
CA THR B 178 -13.55 -25.30 -3.88
C THR B 178 -13.09 -26.29 -4.96
N SER B 179 -13.90 -27.32 -5.15
CA SER B 179 -13.65 -28.35 -6.16
C SER B 179 -13.75 -27.76 -7.55
N SER B 180 -13.28 -28.52 -8.54
CA SER B 180 -13.39 -28.12 -9.93
C SER B 180 -14.85 -27.82 -10.30
N GLU B 181 -15.76 -28.72 -9.91
CA GLU B 181 -17.18 -28.51 -10.18
C GLU B 181 -17.69 -27.21 -9.57
N ARG B 182 -17.29 -26.95 -8.32
CA ARG B 182 -17.79 -25.76 -7.62
C ARG B 182 -17.23 -24.48 -8.22
N GLN B 183 -16.00 -24.55 -8.75
CA GLN B 183 -15.41 -23.39 -9.42
C GLN B 183 -16.21 -23.06 -10.67
N LEU B 184 -16.55 -24.07 -11.44
CA LEU B 184 -17.35 -23.88 -12.63
C LEU B 184 -18.73 -23.32 -12.30
N GLU B 185 -19.31 -23.81 -11.20
CA GLU B 185 -20.62 -23.32 -10.72
C GLU B 185 -20.53 -21.85 -10.28
N MET B 186 -19.45 -21.51 -9.57
CA MET B 186 -19.17 -20.11 -9.19
C MET B 186 -19.15 -19.23 -10.43
N LEU B 187 -18.38 -19.62 -11.45
CA LEU B 187 -18.30 -18.83 -12.68
C LEU B 187 -19.67 -18.69 -13.36
N GLU B 188 -20.38 -19.80 -13.54
CA GLU B 188 -21.70 -19.76 -14.19
C GLU B 188 -22.69 -18.84 -13.48
N GLN B 189 -22.79 -18.97 -12.16
CA GLN B 189 -23.74 -18.16 -11.39
C GLN B 189 -23.35 -16.68 -11.41
N PHE B 190 -22.04 -16.40 -11.33
CA PHE B 190 -21.56 -15.02 -11.42
C PHE B 190 -21.99 -14.38 -12.75
N VAL B 191 -21.72 -15.07 -13.85
CA VAL B 191 -22.03 -14.53 -15.17
C VAL B 191 -23.54 -14.41 -15.38
N ALA B 192 -24.29 -15.35 -14.83
CA ALA B 192 -25.75 -15.32 -14.94
C ALA B 192 -26.38 -14.10 -14.27
N ALA B 193 -25.72 -13.57 -13.23
CA ALA B 193 -26.22 -12.44 -12.47
C ALA B 193 -25.86 -11.07 -13.08
N LEU B 194 -25.09 -11.08 -14.18
CA LEU B 194 -24.69 -9.84 -14.87
C LEU B 194 -25.78 -9.28 -15.77
N HIS C 8 -26.36 23.84 6.34
CA HIS C 8 -25.48 22.67 6.06
C HIS C 8 -24.68 22.83 4.77
N ASP C 9 -24.92 23.87 4.11
CA ASP C 9 -24.18 24.19 2.90
C ASP C 9 -23.66 25.61 3.00
N GLU C 10 -24.57 26.58 2.91
CA GLU C 10 -24.23 27.97 3.13
C GLU C 10 -23.74 28.14 4.57
N ARG C 11 -24.34 27.38 5.48
CA ARG C 11 -23.96 27.39 6.90
C ARG C 11 -22.59 26.79 7.12
N ARG C 12 -22.37 25.58 6.61
CA ARG C 12 -21.08 24.93 6.73
C ARG C 12 -19.99 25.76 6.08
N ARG C 13 -20.29 26.36 4.93
CA ARG C 13 -19.30 27.16 4.20
C ARG C 13 -18.88 28.40 4.98
N SER C 14 -19.85 29.13 5.53
CA SER C 14 -19.53 30.33 6.32
C SER C 14 -18.82 29.99 7.63
N ILE C 15 -19.22 28.89 8.29
CA ILE C 15 -18.54 28.43 9.49
C ILE C 15 -17.10 28.03 9.12
N THR C 16 -16.96 27.30 8.02
CA THR C 16 -15.64 26.87 7.56
C THR C 16 -14.76 28.08 7.25
N ALA C 17 -15.32 29.07 6.54
CA ALA C 17 -14.59 30.29 6.22
C ALA C 17 -14.10 31.01 7.48
N ALA C 18 -14.87 30.86 8.56
CA ALA C 18 -14.55 31.46 9.85
C ALA C 18 -13.67 30.56 10.74
N ALA C 19 -13.54 29.27 10.39
CA ALA C 19 -12.87 28.27 11.24
C ALA C 19 -11.48 27.87 10.72
N TRP C 20 -11.30 27.91 9.41
CA TRP C 20 -10.10 27.32 8.83
C TRP C 20 -8.83 28.02 9.34
N ARG C 21 -8.89 29.34 9.48
CA ARG C 21 -7.72 30.07 9.88
C ARG C 21 -7.33 29.76 11.33
N LEU C 22 -8.34 29.57 12.20
CA LEU C 22 -8.08 29.19 13.60
C LEU C 22 -7.39 27.83 13.64
N ILE C 23 -7.87 26.91 12.83
CA ILE C 23 -7.29 25.57 12.77
C ILE C 23 -5.85 25.64 12.24
N ALA C 24 -5.62 26.40 11.17
CA ALA C 24 -4.24 26.58 10.67
C ALA C 24 -3.33 27.21 11.71
N ALA C 25 -3.83 28.24 12.42
CA ALA C 25 -3.01 28.99 13.35
C ALA C 25 -2.62 28.21 14.60
N ARG C 26 -3.54 27.43 15.16
CA ARG C 26 -3.25 26.72 16.40
C ARG C 26 -3.11 25.20 16.27
N GLY C 27 -3.56 24.68 15.13
CA GLY C 27 -3.47 23.24 14.85
C GLY C 27 -4.71 22.53 15.32
N ILE C 28 -5.01 21.39 14.69
CA ILE C 28 -6.25 20.67 14.95
C ILE C 28 -6.36 20.10 16.38
N GLU C 29 -5.22 19.76 16.98
CA GLU C 29 -5.23 19.21 18.35
C GLU C 29 -5.63 20.28 19.38
N ALA C 30 -4.98 21.44 19.31
CA ALA C 30 -5.30 22.60 20.16
C ALA C 30 -6.70 23.15 19.88
N ALA C 31 -7.12 23.13 18.61
CA ALA C 31 -8.47 23.52 18.20
C ALA C 31 -9.51 22.62 18.88
N ASN C 32 -10.65 23.20 19.23
CA ASN C 32 -11.78 22.43 19.76
C ASN C 32 -13.11 23.06 19.35
N MET C 33 -14.18 22.28 19.44
CA MET C 33 -15.49 22.72 18.95
C MET C 33 -15.95 24.02 19.58
N ARG C 34 -15.79 24.14 20.90
CA ARG C 34 -16.25 25.34 21.60
C ARG C 34 -15.56 26.61 21.06
N ASP C 35 -14.26 26.52 20.78
CA ASP C 35 -13.51 27.66 20.28
C ASP C 35 -13.86 27.99 18.82
N ILE C 36 -14.07 26.95 18.02
CA ILE C 36 -14.52 27.12 16.65
C ILE C 36 -15.89 27.80 16.61
N ALA C 37 -16.81 27.36 17.48
CA ALA C 37 -18.14 27.96 17.61
C ALA C 37 -17.97 29.46 17.88
N THR C 38 -17.16 29.76 18.89
CA THR C 38 -16.88 31.14 19.29
C THR C 38 -16.36 31.98 18.11
N GLU C 39 -15.42 31.44 17.32
CA GLU C 39 -14.87 32.20 16.16
C GLU C 39 -15.83 32.44 15.10
N ALA C 40 -16.79 31.55 14.95
CA ALA C 40 -17.78 31.66 13.87
C ALA C 40 -19.04 32.45 14.27
N GLY C 41 -19.13 32.84 15.54
CA GLY C 41 -20.29 33.60 16.05
C GLY C 41 -21.47 32.76 16.51
N TYR C 42 -21.22 31.45 16.70
CA TYR C 42 -22.23 30.45 17.09
C TYR C 42 -22.09 30.01 18.55
N THR C 43 -23.20 29.57 19.15
CA THR C 43 -23.15 28.84 20.42
C THR C 43 -22.67 27.41 20.16
N ASN C 44 -22.28 26.70 21.23
CA ASN C 44 -21.88 25.29 21.14
C ASN C 44 -22.97 24.40 20.56
N GLY C 45 -24.19 24.61 21.07
CA GLY C 45 -25.38 23.88 20.64
C GLY C 45 -25.68 24.09 19.17
N ALA C 46 -25.67 25.34 18.74
CA ALA C 46 -25.90 25.70 17.34
C ALA C 46 -24.92 25.02 16.38
N LEU C 47 -23.64 25.04 16.75
CA LEU C 47 -22.59 24.45 15.92
C LEU C 47 -22.74 22.93 15.76
N SER C 48 -23.18 22.26 16.82
CA SER C 48 -23.36 20.80 16.78
C SER C 48 -24.41 20.37 15.76
N HIS C 49 -25.26 21.30 15.34
CA HIS C 49 -26.26 21.01 14.30
C HIS C 49 -25.66 20.95 12.89
N TYR C 50 -24.41 21.40 12.74
CA TYR C 50 -23.78 21.46 11.42
C TYR C 50 -22.56 20.57 11.32
N PHE C 51 -21.85 20.42 12.43
CA PHE C 51 -20.64 19.62 12.48
C PHE C 51 -20.64 18.72 13.71
N ALA C 52 -20.31 17.46 13.50
CA ALA C 52 -20.29 16.47 14.58
C ALA C 52 -19.00 16.59 15.39
N GLY C 53 -17.92 16.96 14.72
CA GLY C 53 -16.63 17.05 15.39
C GLY C 53 -15.52 17.71 14.56
N LYS C 54 -14.33 17.72 15.17
CA LYS C 54 -13.10 18.31 14.61
C LYS C 54 -12.74 17.85 13.21
N ASP C 55 -12.79 16.54 13.00
CA ASP C 55 -12.39 15.91 11.74
C ASP C 55 -13.19 16.50 10.57
N GLU C 56 -14.49 16.67 10.81
CA GLU C 56 -15.41 17.15 9.80
C GLU C 56 -15.03 18.58 9.43
N ILE C 57 -14.75 19.42 10.41
CA ILE C 57 -14.37 20.82 10.14
C ILE C 57 -12.97 20.91 9.48
N LEU C 58 -12.06 20.02 9.85
CA LEU C 58 -10.77 19.96 9.16
C LEU C 58 -10.96 19.55 7.68
N ARG C 59 -11.82 18.56 7.42
CA ARG C 59 -12.11 18.17 6.05
C ARG C 59 -12.70 19.30 5.23
N THR C 60 -13.67 20.03 5.80
CA THR C 60 -14.27 21.13 5.03
C THR C 60 -13.30 22.29 4.89
N SER C 61 -12.43 22.48 5.88
CA SER C 61 -11.34 23.49 5.78
C SER C 61 -10.42 23.18 4.59
N TYR C 62 -10.11 21.90 4.41
CA TYR C 62 -9.30 21.47 3.29
C TYR C 62 -10.04 21.72 1.97
N GLU C 63 -11.34 21.41 1.93
CA GLU C 63 -12.16 21.75 0.76
C GLU C 63 -12.15 23.26 0.49
N HIS C 64 -12.27 24.05 1.54
CA HIS C 64 -12.27 25.51 1.43
C HIS C 64 -10.97 26.01 0.77
N ILE C 65 -9.82 25.58 1.30
CA ILE C 65 -8.53 25.98 0.75
C ILE C 65 -8.27 25.47 -0.66
N SER C 66 -8.75 24.25 -0.96
CA SER C 66 -8.67 23.72 -2.32
C SER C 66 -9.48 24.56 -3.30
N GLU C 67 -10.70 24.89 -2.90
CA GLU C 67 -11.56 25.77 -3.71
C GLU C 67 -10.97 27.17 -3.89
N ALA C 68 -10.42 27.71 -2.80
CA ALA C 68 -9.78 29.03 -2.82
C ALA C 68 -8.57 29.04 -3.76
N THR C 69 -7.77 27.99 -3.72
CA THR C 69 -6.61 27.85 -4.60
C THR C 69 -7.07 27.77 -6.06
N ASP C 70 -8.07 26.94 -6.33
CA ASP C 70 -8.61 26.77 -7.68
C ASP C 70 -9.17 28.09 -8.24
N ARG C 71 -9.82 28.86 -7.37
CA ARG C 71 -10.36 30.17 -7.75
C ARG C 71 -9.25 31.14 -8.14
N ARG C 72 -8.19 31.18 -7.32
CA ARG C 72 -7.03 32.04 -7.61
C ARG C 72 -6.41 31.66 -8.96
N ILE C 73 -6.30 30.36 -9.21
CA ILE C 73 -5.71 29.87 -10.46
C ILE C 73 -6.58 30.33 -11.64
N ALA C 74 -7.89 30.07 -11.55
CA ALA C 74 -8.84 30.43 -12.60
C ALA C 74 -8.75 31.91 -12.95
N GLU C 75 -8.61 32.73 -11.92
CA GLU C 75 -8.65 34.18 -12.08
C GLU C 75 -7.31 34.73 -12.57
N ALA C 76 -6.22 34.01 -12.31
CA ALA C 76 -4.90 34.42 -12.76
C ALA C 76 -4.54 33.93 -14.17
N LEU C 77 -5.18 32.85 -14.61
CA LEU C 77 -4.79 32.20 -15.87
C LEU C 77 -4.92 33.05 -17.12
N GLY C 78 -6.03 33.79 -17.23
CA GLY C 78 -6.31 34.57 -18.45
C GLY C 78 -6.18 33.65 -19.66
N ASP C 79 -5.42 34.09 -20.66
CA ASP C 79 -5.24 33.28 -21.87
C ASP C 79 -3.93 32.47 -21.87
N ALA C 80 -3.35 32.28 -20.68
CA ALA C 80 -2.08 31.55 -20.56
C ALA C 80 -2.20 30.09 -20.99
N THR C 81 -1.15 29.59 -21.63
CA THR C 81 -1.05 28.17 -21.98
C THR C 81 0.34 27.64 -21.61
N GLY C 82 0.50 26.32 -21.70
CA GLY C 82 1.83 25.72 -21.63
C GLY C 82 2.54 26.08 -20.35
N LEU C 83 3.84 26.39 -20.47
CA LEU C 83 4.66 26.69 -19.30
C LEU C 83 4.21 27.93 -18.53
N ASP C 84 3.67 28.93 -19.24
CA ASP C 84 3.10 30.10 -18.60
C ASP C 84 1.96 29.72 -17.66
N ALA C 85 1.06 28.87 -18.14
CA ALA C 85 -0.09 28.44 -17.34
C ALA C 85 0.39 27.57 -16.18
N LEU C 86 1.37 26.71 -16.47
CA LEU C 86 1.94 25.86 -15.44
C LEU C 86 2.52 26.68 -14.28
N ARG C 87 3.28 27.74 -14.59
CA ARG C 87 3.86 28.60 -13.57
C ARG C 87 2.78 29.30 -12.74
N ILE C 88 1.72 29.77 -13.41
CA ILE C 88 0.58 30.39 -12.72
C ILE C 88 -0.02 29.41 -11.71
N LEU C 89 -0.32 28.19 -12.13
CA LEU C 89 -0.89 27.18 -11.23
C LEU C 89 0.03 26.90 -10.03
N CYS C 90 1.30 26.63 -10.32
CA CYS C 90 2.28 26.33 -9.28
C CYS C 90 2.42 27.43 -8.25
N ARG C 91 2.40 28.69 -8.69
CA ARG C 91 2.56 29.79 -7.75
C ARG C 91 1.35 29.96 -6.81
N GLU C 92 0.20 29.37 -7.17
CA GLU C 92 -0.97 29.37 -6.27
C GLU C 92 -0.95 28.18 -5.28
N VAL C 93 -0.27 27.11 -5.68
CA VAL C 93 -0.20 25.86 -4.92
C VAL C 93 0.92 25.86 -3.88
N MET C 94 2.11 26.33 -4.27
CA MET C 94 3.26 26.38 -3.35
C MET C 94 3.03 27.39 -2.23
N PRO C 95 3.56 27.13 -1.03
CA PRO C 95 3.36 28.07 0.09
C PRO C 95 4.32 29.27 0.03
N ILE C 96 4.15 30.13 -0.96
CA ILE C 96 5.12 31.20 -1.25
C ILE C 96 4.73 32.55 -0.65
N ASN C 97 3.63 32.58 0.09
CA ASN C 97 3.24 33.77 0.83
C ASN C 97 2.57 33.40 2.16
N GLU C 98 2.21 34.40 2.96
CA GLU C 98 1.68 34.14 4.28
C GLU C 98 0.37 33.35 4.26
N GLU C 99 -0.56 33.73 3.37
CA GLU C 99 -1.85 33.03 3.29
C GLU C 99 -1.65 31.59 2.85
N GLN C 100 -0.75 31.41 1.89
CA GLN C 100 -0.52 30.05 1.37
C GLN C 100 0.24 29.13 2.34
N LEU C 101 1.03 29.74 3.23
CA LEU C 101 1.60 29.01 4.36
C LEU C 101 0.53 28.52 5.35
N LEU C 102 -0.51 29.33 5.59
CA LEU C 102 -1.64 28.87 6.38
C LEU C 102 -2.34 27.71 5.70
N GLU C 103 -2.51 27.82 4.39
CA GLU C 103 -3.12 26.73 3.62
C GLU C 103 -2.31 25.44 3.75
N ALA C 104 -0.98 25.57 3.72
CA ALA C 104 -0.08 24.40 3.86
C ALA C 104 -0.32 23.70 5.18
N ARG C 105 -0.55 24.48 6.24
CA ARG C 105 -0.83 23.92 7.55
C ARG C 105 -2.11 23.06 7.59
N ILE C 106 -3.12 23.48 6.88
CA ILE C 106 -4.34 22.73 6.83
C ILE C 106 -4.07 21.42 6.05
N ALA C 107 -3.42 21.48 4.90
CA ALA C 107 -3.10 20.25 4.16
C ALA C 107 -2.31 19.29 5.04
N ALA C 108 -1.27 19.79 5.66
CA ALA C 108 -0.39 18.96 6.46
C ALA C 108 -1.14 18.22 7.56
N SER C 109 -2.13 18.90 8.06
CA SER C 109 -2.94 18.39 9.13
C SER C 109 -3.91 17.29 8.66
N LEU C 110 -4.51 17.49 7.49
CA LEU C 110 -5.44 16.54 6.93
C LEU C 110 -4.76 15.22 6.53
N TRP C 111 -3.58 15.32 5.99
CA TRP C 111 -2.97 14.18 5.34
C TRP C 111 -2.90 12.92 6.24
N PRO C 112 -2.28 13.04 7.40
CA PRO C 112 -2.17 11.87 8.25
C PRO C 112 -3.51 11.35 8.76
N ARG C 113 -4.50 12.20 8.81
CA ARG C 113 -5.84 11.77 9.15
C ARG C 113 -6.48 11.01 8.00
N ALA C 114 -6.25 11.49 6.79
CA ALA C 114 -6.70 10.85 5.60
C ALA C 114 -6.10 9.45 5.46
N MET C 115 -4.94 9.23 6.03
CA MET C 115 -4.33 7.95 6.02
C MET C 115 -5.11 6.86 6.78
N TYR C 116 -6.10 7.29 7.54
CA TYR C 116 -6.91 6.36 8.38
C TYR C 116 -8.41 6.61 8.25
N ASP C 117 -8.79 7.42 7.26
CA ASP C 117 -10.20 7.78 7.10
C ASP C 117 -10.58 7.93 5.63
N GLU C 118 -11.55 7.14 5.17
CA GLU C 118 -11.86 7.11 3.74
C GLU C 118 -12.38 8.43 3.18
N GLN C 119 -13.25 9.11 3.93
CA GLN C 119 -13.84 10.35 3.43
C GLN C 119 -12.78 11.43 3.24
N MET C 120 -11.88 11.56 4.21
CA MET C 120 -10.79 12.52 4.09
C MET C 120 -9.82 12.12 2.96
N ALA C 121 -9.57 10.83 2.82
CA ALA C 121 -8.73 10.31 1.73
C ALA C 121 -9.35 10.67 0.38
N ALA C 122 -10.66 10.52 0.25
CA ALA C 122 -11.36 10.84 -0.99
C ALA C 122 -11.30 12.32 -1.32
N THR C 123 -11.48 13.17 -0.30
CA THR C 123 -11.37 14.61 -0.45
C THR C 123 -9.99 14.98 -1.00
N ASN C 124 -8.95 14.45 -0.38
CA ASN C 124 -7.58 14.69 -0.86
C ASN C 124 -7.35 14.22 -2.29
N ARG C 125 -7.81 13.01 -2.59
CA ARG C 125 -7.60 12.43 -3.93
C ARG C 125 -8.21 13.32 -5.02
N ARG C 126 -9.40 13.88 -4.73
CA ARG C 126 -10.08 14.78 -5.67
C ARG C 126 -9.24 16.02 -5.98
N THR C 127 -8.66 16.62 -4.96
CA THR C 127 -7.78 17.78 -5.14
C THR C 127 -6.51 17.43 -5.92
N MET C 128 -5.84 16.35 -5.53
CA MET C 128 -4.62 15.92 -6.20
C MET C 128 -4.91 15.62 -7.67
N ASP C 129 -6.02 14.94 -7.94
CA ASP C 129 -6.34 14.57 -9.31
C ASP C 129 -6.72 15.76 -10.19
N ASN C 130 -7.42 16.74 -9.62
CA ASN C 130 -7.69 17.99 -10.33
C ASN C 130 -6.39 18.69 -10.73
N TRP C 131 -5.44 18.79 -9.81
CA TRP C 131 -4.16 19.39 -10.16
C TRP C 131 -3.32 18.58 -11.14
N ARG C 132 -3.30 17.25 -10.99
CA ARG C 132 -2.62 16.40 -11.99
C ARG C 132 -3.18 16.64 -13.38
N GLU C 133 -4.51 16.67 -13.49
CA GLU C 133 -5.16 16.82 -14.79
C GLU C 133 -4.81 18.16 -15.46
N GLN C 134 -4.83 19.23 -14.68
CA GLN C 134 -4.49 20.57 -15.20
C GLN C 134 -3.02 20.65 -15.60
N MET C 135 -2.14 20.18 -14.72
CA MET C 135 -0.70 20.17 -15.01
C MET C 135 -0.38 19.36 -16.29
N ALA C 136 -1.07 18.22 -16.47
CA ALA C 136 -0.87 17.38 -17.64
C ALA C 136 -1.34 18.09 -18.91
N ILE C 137 -2.43 18.84 -18.81
CA ILE C 137 -2.92 19.65 -19.94
C ILE C 137 -1.87 20.68 -20.33
N PHE C 138 -1.35 21.41 -19.33
CA PHE C 138 -0.37 22.47 -19.60
C PHE C 138 0.94 21.92 -20.16
N LEU C 139 1.39 20.79 -19.63
CA LEU C 139 2.65 20.19 -20.09
C LEU C 139 2.52 19.61 -21.50
N GLU C 140 1.36 19.04 -21.81
CA GLU C 140 1.07 18.64 -23.19
C GLU C 140 1.02 19.84 -24.15
N GLN C 141 0.43 20.95 -23.71
CA GLN C 141 0.50 22.21 -24.47
C GLN C 141 1.96 22.64 -24.72
N ALA C 142 2.79 22.57 -23.69
CA ALA C 142 4.22 22.91 -23.81
C ALA C 142 4.94 22.05 -24.85
N ARG C 143 4.64 20.75 -24.84
CA ARG C 143 5.17 19.84 -25.88
C ARG C 143 4.72 20.24 -27.27
N GLU C 144 3.43 20.55 -27.43
CA GLU C 144 2.88 21.00 -28.71
C GLU C 144 3.47 22.32 -29.19
N GLU C 145 3.83 23.19 -28.24
CA GLU C 145 4.42 24.50 -28.55
C GLU C 145 5.92 24.42 -28.77
N GLY C 146 6.53 23.31 -28.36
CA GLY C 146 7.98 23.12 -28.46
C GLY C 146 8.77 23.89 -27.41
N SER C 147 8.12 24.21 -26.29
CA SER C 147 8.76 24.96 -25.21
C SER C 147 9.49 24.04 -24.21
N VAL C 148 9.33 22.72 -24.41
CA VAL C 148 10.02 21.70 -23.62
C VAL C 148 10.52 20.60 -24.56
N GLY C 149 11.43 19.75 -24.06
CA GLY C 149 11.91 18.60 -24.83
C GLY C 149 10.91 17.45 -24.89
N ASP C 150 11.43 16.26 -25.21
CA ASP C 150 10.61 15.06 -25.35
C ASP C 150 10.31 14.46 -23.95
N ILE C 151 9.57 15.22 -23.15
CA ILE C 151 9.32 14.88 -21.74
C ILE C 151 8.23 13.82 -21.59
N ASP C 152 8.32 13.05 -20.51
CA ASP C 152 7.32 12.07 -20.13
C ASP C 152 6.32 12.78 -19.24
N VAL C 153 5.19 13.20 -19.82
CA VAL C 153 4.25 14.08 -19.10
C VAL C 153 3.82 13.49 -17.76
N THR C 154 3.44 12.21 -17.74
CA THR C 154 2.92 11.60 -16.52
C THR C 154 3.94 11.65 -15.38
N ILE C 155 5.20 11.35 -15.70
CA ILE C 155 6.26 11.36 -14.70
C ILE C 155 6.61 12.80 -14.28
N VAL C 156 6.70 13.71 -15.24
CA VAL C 156 6.97 15.12 -14.89
C VAL C 156 5.89 15.72 -13.99
N VAL C 157 4.63 15.43 -14.31
CA VAL C 157 3.51 15.86 -13.46
C VAL C 157 3.69 15.31 -12.05
N GLU C 158 4.01 14.02 -11.94
CA GLU C 158 4.17 13.41 -10.63
C GLU C 158 5.35 14.03 -9.85
N GLN C 159 6.47 14.27 -10.53
CA GLN C 159 7.63 14.89 -9.89
C GLN C 159 7.25 16.25 -9.31
N LEU C 160 6.58 17.06 -10.12
CA LEU C 160 6.28 18.44 -9.74
C LEU C 160 5.26 18.44 -8.60
N LEU C 161 4.25 17.58 -8.71
CA LEU C 161 3.20 17.53 -7.70
C LEU C 161 3.83 17.11 -6.36
N ASN C 162 4.67 16.08 -6.39
CA ASN C 162 5.31 15.58 -5.17
C ASN C 162 6.21 16.66 -4.57
N MET C 163 6.94 17.38 -5.44
CA MET C 163 7.84 18.45 -4.96
C MET C 163 7.00 19.52 -4.25
N MET C 164 5.90 19.90 -4.86
CA MET C 164 5.04 20.95 -4.28
C MET C 164 4.33 20.49 -3.01
N MET C 165 4.07 19.19 -2.89
CA MET C 165 3.43 18.71 -1.65
C MET C 165 4.48 18.67 -0.54
N GLY C 166 5.70 18.27 -0.85
CA GLY C 166 6.81 18.38 0.08
C GLY C 166 6.98 19.79 0.61
N MET C 167 6.85 20.77 -0.28
CA MET C 167 6.95 22.19 0.09
C MET C 167 5.91 22.63 1.15
N GLN C 168 4.74 22.01 1.15
CA GLN C 168 3.70 22.34 2.13
C GLN C 168 4.25 22.06 3.52
N ILE C 169 5.09 21.02 3.60
CA ILE C 169 5.73 20.62 4.85
C ILE C 169 6.95 21.48 5.16
N LEU C 170 7.96 21.46 4.29
CA LEU C 170 9.23 22.12 4.56
C LEU C 170 9.14 23.65 4.54
N GLY C 171 8.22 24.18 3.73
CA GLY C 171 7.97 25.63 3.73
C GLY C 171 7.64 26.14 5.12
N VAL C 172 6.93 25.32 5.90
CA VAL C 172 6.58 25.65 7.26
C VAL C 172 7.68 25.23 8.23
N LEU C 173 8.16 23.98 8.10
CA LEU C 173 9.06 23.41 9.10
C LEU C 173 10.53 23.76 8.95
N THR C 174 10.98 24.04 7.73
CA THR C 174 12.36 24.46 7.52
C THR C 174 12.38 25.71 6.64
N PRO C 175 11.87 26.84 7.19
CA PRO C 175 11.60 28.02 6.36
C PRO C 175 12.86 28.74 5.88
N GLY C 176 14.01 28.46 6.47
CA GLY C 176 15.30 29.00 5.98
C GLY C 176 15.71 28.35 4.66
N GLU C 177 15.78 27.02 4.66
CA GLU C 177 16.17 26.27 3.48
C GLU C 177 15.05 26.20 2.45
N THR C 178 13.82 26.41 2.91
CA THR C 178 12.65 26.30 2.05
C THR C 178 11.83 27.61 2.07
N SER C 179 12.56 28.72 1.98
CA SER C 179 11.97 30.07 1.94
C SER C 179 11.14 30.24 0.67
N SER C 180 10.27 31.26 0.64
CA SER C 180 9.52 31.54 -0.59
C SER C 180 10.44 31.74 -1.80
N GLU C 181 11.52 32.52 -1.61
CA GLU C 181 12.51 32.72 -2.68
C GLU C 181 13.07 31.39 -3.19
N ARG C 182 13.41 30.51 -2.26
CA ARG C 182 13.99 29.21 -2.61
C ARG C 182 12.95 28.37 -3.33
N GLN C 183 11.70 28.40 -2.87
CA GLN C 183 10.64 27.65 -3.56
C GLN C 183 10.49 28.11 -5.01
N LEU C 184 10.53 29.43 -5.21
CA LEU C 184 10.37 29.96 -6.54
C LEU C 184 11.55 29.55 -7.43
N GLU C 185 12.75 29.49 -6.85
CA GLU C 185 13.93 29.07 -7.61
C GLU C 185 13.87 27.57 -7.93
N MET C 186 13.38 26.77 -6.98
CA MET C 186 13.13 25.35 -7.20
C MET C 186 12.20 25.13 -8.38
N LEU C 187 11.11 25.86 -8.45
CA LEU C 187 10.19 25.75 -9.57
C LEU C 187 10.92 26.15 -10.86
N GLU C 188 11.62 27.28 -10.82
CA GLU C 188 12.29 27.79 -12.02
C GLU C 188 13.31 26.82 -12.59
N GLN C 189 14.14 26.25 -11.72
CA GLN C 189 15.19 25.32 -12.14
C GLN C 189 14.60 23.99 -12.59
N PHE C 190 13.50 23.57 -11.95
CA PHE C 190 12.78 22.38 -12.40
C PHE C 190 12.26 22.54 -13.84
N VAL C 191 11.54 23.63 -14.10
CA VAL C 191 11.01 23.91 -15.44
C VAL C 191 12.16 24.04 -16.47
N ALA C 192 13.25 24.68 -16.07
CA ALA C 192 14.40 24.92 -16.96
C ALA C 192 15.03 23.61 -17.43
N ALA C 193 14.95 22.60 -16.57
CA ALA C 193 15.52 21.27 -16.83
C ALA C 193 14.64 20.39 -17.72
N LEU C 194 13.46 20.90 -18.09
CA LEU C 194 12.60 20.24 -19.06
C LEU C 194 13.09 20.49 -20.49
N HIS D 8 15.84 3.64 31.51
CA HIS D 8 15.02 4.84 31.23
C HIS D 8 15.16 5.33 29.79
N ASP D 9 16.39 5.41 29.28
CA ASP D 9 16.60 5.79 27.89
C ASP D 9 16.78 4.56 26.99
N GLU D 10 17.53 3.56 27.47
CA GLU D 10 17.51 2.23 26.87
C GLU D 10 16.08 1.71 26.83
N ARG D 11 15.41 1.79 27.98
CA ARG D 11 13.98 1.47 28.10
C ARG D 11 13.11 2.24 27.09
N ARG D 12 13.22 3.57 27.09
CA ARG D 12 12.46 4.44 26.22
C ARG D 12 12.60 4.06 24.75
N ARG D 13 13.81 3.72 24.34
CA ARG D 13 14.10 3.30 22.98
C ARG D 13 13.48 1.92 22.68
N SER D 14 13.45 1.05 23.67
CA SER D 14 12.90 -0.30 23.51
C SER D 14 11.36 -0.34 23.31
N ILE D 15 10.65 0.52 24.04
CA ILE D 15 9.20 0.61 23.87
C ILE D 15 8.87 1.14 22.46
N THR D 16 9.57 2.20 22.08
CA THR D 16 9.47 2.80 20.75
C THR D 16 9.63 1.77 19.63
N ALA D 17 10.72 1.02 19.70
CA ALA D 17 10.97 -0.05 18.73
C ALA D 17 9.73 -0.92 18.61
N ALA D 18 9.06 -1.09 19.74
CA ALA D 18 7.92 -1.98 19.86
C ALA D 18 6.56 -1.35 19.50
N ALA D 19 6.53 -0.02 19.29
CA ALA D 19 5.30 0.79 19.19
C ALA D 19 5.08 1.47 17.85
N TRP D 20 6.19 1.76 17.17
CA TRP D 20 6.08 2.59 15.99
C TRP D 20 5.25 1.92 14.89
N ARG D 21 5.34 0.59 14.77
CA ARG D 21 4.56 -0.09 13.70
C ARG D 21 3.06 -0.09 14.01
N LEU D 22 2.74 -0.16 15.29
CA LEU D 22 1.36 -0.11 15.73
C LEU D 22 0.79 1.27 15.41
N ILE D 23 1.56 2.30 15.74
CA ILE D 23 1.14 3.67 15.44
C ILE D 23 0.98 3.87 13.92
N ALA D 24 1.92 3.35 13.14
CA ALA D 24 1.84 3.49 11.69
C ALA D 24 0.64 2.75 11.14
N ALA D 25 0.34 1.58 11.70
CA ALA D 25 -0.75 0.74 11.17
C ALA D 25 -2.12 1.33 11.50
N ARG D 26 -2.28 1.91 12.70
CA ARG D 26 -3.59 2.30 13.18
C ARG D 26 -3.78 3.83 13.21
N GLY D 27 -2.67 4.55 13.19
CA GLY D 27 -2.72 6.02 13.31
C GLY D 27 -2.62 6.44 14.75
N ILE D 28 -2.06 7.63 14.98
CA ILE D 28 -1.79 8.06 16.35
C ILE D 28 -3.07 8.25 17.18
N GLU D 29 -4.16 8.63 16.54
CA GLU D 29 -5.43 8.86 17.24
C GLU D 29 -6.03 7.56 17.74
N ALA D 30 -6.09 6.56 16.85
CA ALA D 30 -6.69 5.27 17.18
C ALA D 30 -5.77 4.40 18.03
N ALA D 31 -4.47 4.58 17.87
CA ALA D 31 -3.48 3.83 18.64
C ALA D 31 -3.69 4.19 20.10
N ASN D 32 -3.73 3.17 20.94
CA ASN D 32 -3.93 3.38 22.37
C ASN D 32 -2.65 3.11 23.15
N MET D 33 -2.28 4.05 24.02
CA MET D 33 -1.12 3.85 24.91
C MET D 33 -1.22 2.53 25.68
N ARG D 34 -2.43 2.11 26.03
CA ARG D 34 -2.64 0.84 26.71
C ARG D 34 -2.24 -0.36 25.88
N ASP D 35 -2.50 -0.28 24.57
CA ASP D 35 -2.15 -1.36 23.64
C ASP D 35 -0.64 -1.40 23.44
N ILE D 36 -0.03 -0.23 23.36
CA ILE D 36 1.42 -0.10 23.29
C ILE D 36 2.09 -0.67 24.56
N ALA D 37 1.54 -0.34 25.73
CA ALA D 37 2.03 -0.89 26.99
C ALA D 37 2.05 -2.42 26.97
N THR D 38 0.92 -3.01 26.58
CA THR D 38 0.73 -4.46 26.58
C THR D 38 1.70 -5.11 25.61
N GLU D 39 1.77 -4.54 24.41
CA GLU D 39 2.61 -5.11 23.38
C GLU D 39 4.08 -5.12 23.79
N ALA D 40 4.52 -4.02 24.41
CA ALA D 40 5.89 -3.89 24.93
C ALA D 40 6.15 -4.64 26.26
N GLY D 41 5.07 -5.05 26.93
CA GLY D 41 5.17 -5.78 28.20
C GLY D 41 5.35 -4.89 29.42
N TYR D 42 4.75 -3.69 29.38
CA TYR D 42 4.80 -2.75 30.51
C TYR D 42 3.41 -2.45 31.03
N THR D 43 3.29 -2.14 32.32
CA THR D 43 2.02 -1.63 32.86
C THR D 43 1.80 -0.20 32.34
N ASN D 44 0.56 0.28 32.38
CA ASN D 44 0.27 1.67 31.96
C ASN D 44 1.07 2.67 32.78
N GLY D 45 1.15 2.43 34.09
CA GLY D 45 1.97 3.23 35.01
C GLY D 45 3.45 3.24 34.63
N ALA D 46 3.98 2.07 34.31
CA ALA D 46 5.39 1.94 33.93
C ALA D 46 5.66 2.74 32.67
N LEU D 47 4.78 2.59 31.68
CA LEU D 47 4.90 3.32 30.42
C LEU D 47 4.92 4.83 30.64
N SER D 48 4.10 5.32 31.56
CA SER D 48 4.00 6.76 31.84
C SER D 48 5.27 7.39 32.39
N HIS D 49 6.17 6.57 32.94
CA HIS D 49 7.49 7.05 33.40
C HIS D 49 8.38 7.46 32.24
N TYR D 50 8.04 6.97 31.05
CA TYR D 50 8.88 7.14 29.88
C TYR D 50 8.23 8.06 28.87
N PHE D 51 6.91 7.98 28.76
CA PHE D 51 6.15 8.81 27.83
C PHE D 51 4.98 9.49 28.53
N ALA D 52 4.94 10.82 28.43
CA ALA D 52 3.87 11.60 29.03
C ALA D 52 2.58 11.46 28.23
N GLY D 53 2.71 11.02 26.98
CA GLY D 53 1.57 10.83 26.11
C GLY D 53 1.92 10.58 24.66
N LYS D 54 0.95 10.80 23.79
CA LYS D 54 1.09 10.46 22.37
C LYS D 54 2.15 11.26 21.65
N ASP D 55 2.22 12.59 21.91
CA ASP D 55 3.24 13.41 21.26
C ASP D 55 4.63 12.84 21.49
N GLU D 56 4.89 12.41 22.72
CA GLU D 56 6.22 11.99 23.10
C GLU D 56 6.62 10.69 22.41
N ILE D 57 5.70 9.75 22.35
CA ILE D 57 6.00 8.48 21.68
C ILE D 57 6.04 8.63 20.16
N LEU D 58 5.24 9.54 19.62
CA LEU D 58 5.32 9.86 18.19
C LEU D 58 6.68 10.46 17.86
N ARG D 59 7.13 11.39 18.69
CA ARG D 59 8.44 12.00 18.47
C ARG D 59 9.56 10.96 18.51
N THR D 60 9.53 10.08 19.49
CA THR D 60 10.56 9.04 19.58
C THR D 60 10.44 8.04 18.42
N SER D 61 9.21 7.74 17.99
CA SER D 61 9.00 6.88 16.81
C SER D 61 9.69 7.47 15.56
N TYR D 62 9.56 8.79 15.40
CA TYR D 62 10.17 9.51 14.30
C TYR D 62 11.70 9.44 14.38
N GLU D 63 12.23 9.58 15.59
CA GLU D 63 13.67 9.45 15.85
C GLU D 63 14.11 8.04 15.47
N HIS D 64 13.30 7.06 15.88
CA HIS D 64 13.59 5.65 15.59
C HIS D 64 13.69 5.40 14.09
N ILE D 65 12.69 5.87 13.34
CA ILE D 65 12.65 5.63 11.88
C ILE D 65 13.76 6.38 11.17
N SER D 66 14.08 7.59 11.66
CA SER D 66 15.21 8.37 11.14
C SER D 66 16.52 7.62 11.32
N GLU D 67 16.73 7.10 12.52
CA GLU D 67 17.95 6.35 12.82
C GLU D 67 18.04 5.08 11.98
N ALA D 68 16.90 4.41 11.81
CA ALA D 68 16.81 3.17 11.03
C ALA D 68 17.15 3.44 9.56
N THR D 69 16.59 4.52 9.02
CA THR D 69 16.86 4.96 7.66
C THR D 69 18.36 5.25 7.51
N ASP D 70 18.92 6.01 8.44
CA ASP D 70 20.35 6.33 8.42
C ASP D 70 21.22 5.08 8.47
N ARG D 71 20.82 4.10 9.28
CA ARG D 71 21.55 2.83 9.40
C ARG D 71 21.53 2.11 8.05
N ARG D 72 20.35 2.06 7.41
CA ARG D 72 20.20 1.40 6.10
C ARG D 72 21.07 2.04 5.03
N ILE D 73 21.11 3.37 4.99
CA ILE D 73 21.96 4.11 4.05
C ILE D 73 23.44 3.76 4.29
N ALA D 74 23.88 3.81 5.53
CA ALA D 74 25.27 3.54 5.88
C ALA D 74 25.71 2.12 5.48
N GLU D 75 24.81 1.15 5.69
CA GLU D 75 25.08 -0.24 5.36
C GLU D 75 25.01 -0.56 3.85
N ALA D 76 24.23 0.21 3.10
CA ALA D 76 24.08 -0.02 1.65
C ALA D 76 25.10 0.74 0.79
N LEU D 77 25.71 1.77 1.34
CA LEU D 77 26.58 2.67 0.55
C LEU D 77 27.85 1.99 0.00
N GLY D 78 28.51 1.19 0.83
CA GLY D 78 29.82 0.61 0.45
C GLY D 78 30.75 1.68 -0.07
N ASP D 79 31.36 1.44 -1.22
CA ASP D 79 32.27 2.43 -1.84
C ASP D 79 31.58 3.35 -2.86
N ALA D 80 30.26 3.45 -2.78
CA ALA D 80 29.50 4.29 -3.72
C ALA D 80 29.86 5.76 -3.61
N THR D 81 29.90 6.43 -4.76
CA THR D 81 30.12 7.86 -4.82
C THR D 81 29.18 8.45 -5.86
N GLY D 82 29.06 9.78 -5.87
CA GLY D 82 28.33 10.51 -6.89
C GLY D 82 26.90 10.04 -7.01
N LEU D 83 26.42 9.87 -8.25
CA LEU D 83 25.02 9.50 -8.48
C LEU D 83 24.68 8.11 -7.97
N ASP D 84 25.66 7.20 -7.95
CA ASP D 84 25.44 5.87 -7.35
C ASP D 84 25.10 5.97 -5.86
N ALA D 85 25.83 6.82 -5.15
CA ALA D 85 25.57 7.08 -3.72
C ALA D 85 24.23 7.79 -3.50
N LEU D 86 23.95 8.78 -4.34
CA LEU D 86 22.66 9.50 -4.25
C LEU D 86 21.47 8.55 -4.44
N ARG D 87 21.55 7.65 -5.42
CA ARG D 87 20.47 6.68 -5.67
C ARG D 87 20.25 5.75 -4.47
N ILE D 88 21.35 5.33 -3.86
CA ILE D 88 21.31 4.50 -2.66
C ILE D 88 20.60 5.23 -1.52
N LEU D 89 21.00 6.48 -1.25
CA LEU D 89 20.33 7.26 -0.21
C LEU D 89 18.82 7.40 -0.52
N CYS D 90 18.50 7.79 -1.74
CA CYS D 90 17.10 8.01 -2.13
C CYS D 90 16.23 6.76 -2.01
N ARG D 91 16.80 5.60 -2.32
CA ARG D 91 16.05 4.34 -2.22
C ARG D 91 15.67 3.99 -0.77
N GLU D 92 16.43 4.50 0.20
CA GLU D 92 16.14 4.27 1.61
C GLU D 92 15.18 5.31 2.18
N VAL D 93 15.14 6.48 1.55
CA VAL D 93 14.30 7.60 2.01
C VAL D 93 12.88 7.54 1.43
N MET D 94 12.77 7.19 0.14
CA MET D 94 11.47 7.11 -0.53
C MET D 94 10.67 5.89 -0.03
N PRO D 95 9.33 6.02 0.03
CA PRO D 95 8.51 4.90 0.50
C PRO D 95 8.27 3.82 -0.58
N ILE D 96 9.32 3.08 -0.93
CA ILE D 96 9.25 2.14 -2.06
C ILE D 96 9.03 0.68 -1.68
N ASN D 97 8.78 0.47 -0.40
CA ASN D 97 8.36 -0.84 0.10
C ASN D 97 7.52 -0.69 1.37
N GLU D 98 6.97 -1.81 1.87
CA GLU D 98 6.02 -1.72 2.97
C GLU D 98 6.62 -1.13 4.23
N GLU D 99 7.85 -1.50 4.57
CA GLU D 99 8.48 -0.98 5.79
C GLU D 99 8.58 0.54 5.68
N GLN D 100 9.02 1.00 4.50
CA GLN D 100 9.20 2.43 4.27
C GLN D 100 7.89 3.20 4.11
N LEU D 101 6.82 2.51 3.70
CA LEU D 101 5.47 3.09 3.73
C LEU D 101 5.01 3.31 5.18
N LEU D 102 5.30 2.35 6.05
CA LEU D 102 5.05 2.55 7.48
C LEU D 102 5.84 3.76 8.03
N GLU D 103 7.11 3.87 7.63
CA GLU D 103 7.94 5.01 8.05
C GLU D 103 7.31 6.32 7.58
N ALA D 104 6.80 6.32 6.34
CA ALA D 104 6.13 7.50 5.76
C ALA D 104 4.94 7.95 6.61
N ARG D 105 4.16 6.97 7.07
CA ARG D 105 3.02 7.22 7.95
C ARG D 105 3.42 7.89 9.28
N ILE D 106 4.52 7.46 9.87
CA ILE D 106 5.02 8.14 11.07
C ILE D 106 5.45 9.59 10.77
N ALA D 107 6.24 9.78 9.71
CA ALA D 107 6.67 11.13 9.34
C ALA D 107 5.44 12.04 9.12
N ALA D 108 4.49 11.56 8.32
CA ALA D 108 3.27 12.34 7.99
C ALA D 108 2.51 12.76 9.25
N SER D 109 2.47 11.89 10.25
CA SER D 109 1.79 12.15 11.53
C SER D 109 2.55 13.19 12.35
N LEU D 110 3.88 13.08 12.36
CA LEU D 110 4.69 14.01 13.15
C LEU D 110 4.62 15.44 12.61
N TRP D 111 4.71 15.59 11.30
CA TRP D 111 4.86 16.91 10.69
C TRP D 111 3.86 17.98 11.16
N PRO D 112 2.54 17.73 11.07
CA PRO D 112 1.66 18.80 11.56
C PRO D 112 1.80 19.10 13.04
N ARG D 113 2.15 18.13 13.86
CA ARG D 113 2.35 18.36 15.26
C ARG D 113 3.59 19.20 15.51
N ALA D 114 4.62 18.92 14.73
CA ALA D 114 5.88 19.69 14.72
C ALA D 114 5.68 21.15 14.36
N MET D 115 4.63 21.44 13.59
CA MET D 115 4.30 22.82 13.20
C MET D 115 3.85 23.70 14.39
N TYR D 116 3.60 23.08 15.52
CA TYR D 116 3.12 23.76 16.72
C TYR D 116 3.90 23.38 17.98
N ASP D 117 4.99 22.65 17.86
CA ASP D 117 5.78 22.18 18.98
C ASP D 117 7.22 22.17 18.58
N GLU D 118 7.99 23.05 19.19
CA GLU D 118 9.41 23.23 18.86
C GLU D 118 10.26 21.96 19.05
N GLN D 119 10.00 21.17 20.07
CA GLN D 119 10.79 19.96 20.27
C GLN D 119 10.62 18.97 19.10
N MET D 120 9.37 18.81 18.67
CA MET D 120 9.08 17.97 17.52
C MET D 120 9.69 18.58 16.26
N ALA D 121 9.63 19.91 16.12
CA ALA D 121 10.21 20.58 14.97
C ALA D 121 11.73 20.39 14.89
N ALA D 122 12.41 20.42 16.04
CA ALA D 122 13.88 20.30 16.08
C ALA D 122 14.35 18.90 15.68
N THR D 123 13.60 17.90 16.15
CA THR D 123 13.79 16.51 15.77
C THR D 123 13.75 16.36 14.23
N ASN D 124 12.72 16.94 13.62
CA ASN D 124 12.56 16.89 12.18
C ASN D 124 13.68 17.65 11.46
N ARG D 125 14.02 18.83 11.98
CA ARG D 125 15.07 19.68 11.40
C ARG D 125 16.39 18.91 11.32
N ARG D 126 16.71 18.17 12.38
CA ARG D 126 17.96 17.40 12.45
C ARG D 126 18.05 16.34 11.34
N THR D 127 16.95 15.59 11.15
CA THR D 127 16.86 14.59 10.09
C THR D 127 16.96 15.23 8.68
N MET D 128 16.23 16.32 8.45
CA MET D 128 16.29 16.95 7.13
C MET D 128 17.70 17.45 6.80
N ASP D 129 18.34 18.04 7.80
CA ASP D 129 19.66 18.62 7.61
C ASP D 129 20.73 17.56 7.38
N ASN D 130 20.59 16.41 8.05
CA ASN D 130 21.51 15.31 7.83
C ASN D 130 21.44 14.86 6.38
N TRP D 131 20.22 14.72 5.87
CA TRP D 131 20.03 14.30 4.49
C TRP D 131 20.48 15.35 3.49
N ARG D 132 20.14 16.62 3.72
CA ARG D 132 20.65 17.68 2.88
C ARG D 132 22.17 17.61 2.74
N GLU D 133 22.85 17.45 3.88
CA GLU D 133 24.32 17.42 3.90
C GLU D 133 24.89 16.30 3.04
N GLN D 134 24.38 15.08 3.25
CA GLN D 134 24.87 13.91 2.49
C GLN D 134 24.56 14.02 1.01
N MET D 135 23.33 14.45 0.68
CA MET D 135 22.93 14.69 -0.71
C MET D 135 23.87 15.68 -1.41
N ALA D 136 24.21 16.76 -0.72
CA ALA D 136 25.12 17.77 -1.25
C ALA D 136 26.50 17.16 -1.53
N ILE D 137 26.99 16.33 -0.60
CA ILE D 137 28.28 15.64 -0.78
C ILE D 137 28.26 14.80 -2.06
N PHE D 138 27.22 13.97 -2.22
CA PHE D 138 27.13 13.08 -3.38
C PHE D 138 26.99 13.84 -4.71
N LEU D 139 26.26 14.95 -4.70
CA LEU D 139 26.07 15.75 -5.90
C LEU D 139 27.34 16.51 -6.24
N GLU D 140 28.10 16.93 -5.23
CA GLU D 140 29.42 17.55 -5.45
C GLU D 140 30.38 16.52 -6.07
N GLN D 141 30.38 15.30 -5.51
CA GLN D 141 31.16 14.21 -6.11
C GLN D 141 30.76 13.97 -7.57
N ALA D 142 29.45 13.98 -7.84
CA ALA D 142 28.92 13.79 -9.19
C ALA D 142 29.45 14.85 -10.16
N ARG D 143 29.38 16.12 -9.76
CA ARG D 143 29.91 17.22 -10.57
C ARG D 143 31.39 17.00 -10.87
N GLU D 144 32.13 16.59 -9.85
CA GLU D 144 33.58 16.33 -9.97
C GLU D 144 33.89 15.11 -10.82
N GLU D 145 32.98 14.15 -10.87
CA GLU D 145 33.12 12.95 -11.69
C GLU D 145 32.60 13.16 -13.12
N GLY D 146 31.96 14.29 -13.35
CA GLY D 146 31.45 14.64 -14.69
C GLY D 146 30.14 14.00 -15.11
N SER D 147 29.41 13.40 -14.18
CA SER D 147 28.15 12.73 -14.51
C SER D 147 26.94 13.67 -14.46
N VAL D 148 27.15 14.87 -13.92
CA VAL D 148 26.20 15.99 -14.02
C VAL D 148 26.97 17.26 -14.39
N GLY D 149 26.27 18.28 -14.88
CA GLY D 149 26.91 19.58 -15.18
C GLY D 149 27.12 20.42 -13.93
N ASP D 150 27.52 21.68 -14.09
CA ASP D 150 27.64 22.58 -12.93
C ASP D 150 26.28 23.07 -12.43
N ILE D 151 25.55 22.12 -11.87
CA ILE D 151 24.24 22.33 -11.27
C ILE D 151 24.33 23.23 -10.05
N ASP D 152 23.19 23.82 -9.69
CA ASP D 152 23.08 24.56 -8.44
C ASP D 152 22.81 23.54 -7.34
N VAL D 153 23.87 23.10 -6.66
CA VAL D 153 23.75 21.98 -5.72
C VAL D 153 22.69 22.24 -4.64
N THR D 154 22.77 23.40 -4.00
CA THR D 154 21.80 23.72 -2.93
C THR D 154 20.34 23.58 -3.39
N ILE D 155 20.06 24.09 -4.60
CA ILE D 155 18.69 24.05 -5.12
C ILE D 155 18.30 22.64 -5.55
N VAL D 156 19.22 21.92 -6.19
CA VAL D 156 18.97 20.52 -6.56
C VAL D 156 18.70 19.65 -5.33
N VAL D 157 19.52 19.79 -4.28
CA VAL D 157 19.28 19.12 -3.00
C VAL D 157 17.86 19.43 -2.48
N GLU D 158 17.49 20.71 -2.47
CA GLU D 158 16.17 21.11 -1.99
C GLU D 158 15.03 20.53 -2.85
N GLN D 159 15.20 20.52 -4.17
CA GLN D 159 14.18 19.95 -5.06
C GLN D 159 13.97 18.47 -4.76
N LEU D 160 15.06 17.74 -4.69
CA LEU D 160 14.98 16.30 -4.50
C LEU D 160 14.44 15.97 -3.10
N LEU D 161 14.89 16.70 -2.08
CA LEU D 161 14.36 16.54 -0.74
C LEU D 161 12.86 16.78 -0.66
N ASN D 162 12.39 17.89 -1.22
CA ASN D 162 10.97 18.22 -1.23
C ASN D 162 10.18 17.17 -2.01
N MET D 163 10.75 16.69 -3.12
CA MET D 163 10.05 15.65 -3.91
C MET D 163 9.85 14.41 -3.07
N MET D 164 10.91 13.99 -2.39
CA MET D 164 10.88 12.76 -1.57
C MET D 164 9.98 12.90 -0.33
N MET D 165 9.89 14.11 0.20
CA MET D 165 8.95 14.34 1.32
C MET D 165 7.51 14.30 0.86
N GLY D 166 7.24 14.88 -0.31
CA GLY D 166 5.90 14.77 -0.90
C GLY D 166 5.52 13.31 -1.14
N MET D 167 6.50 12.51 -1.53
CA MET D 167 6.29 11.07 -1.73
C MET D 167 5.83 10.35 -0.44
N GLN D 168 6.28 10.81 0.72
CA GLN D 168 5.80 10.25 1.98
C GLN D 168 4.29 10.37 2.10
N ILE D 169 3.76 11.49 1.61
CA ILE D 169 2.32 11.74 1.56
C ILE D 169 1.66 10.94 0.44
N LEU D 170 2.12 11.13 -0.80
CA LEU D 170 1.38 10.61 -1.93
C LEU D 170 1.64 9.11 -2.17
N GLY D 171 2.82 8.62 -1.79
CA GLY D 171 3.10 7.18 -1.84
C GLY D 171 2.09 6.39 -1.01
N VAL D 172 1.64 7.01 0.08
CA VAL D 172 0.62 6.43 0.95
C VAL D 172 -0.79 6.70 0.42
N LEU D 173 -1.06 7.97 0.11
CA LEU D 173 -2.42 8.41 -0.16
C LEU D 173 -2.88 8.23 -1.59
N THR D 174 -1.96 8.24 -2.54
CA THR D 174 -2.35 7.98 -3.93
C THR D 174 -1.46 6.90 -4.54
N PRO D 175 -1.56 5.65 -4.02
CA PRO D 175 -0.59 4.62 -4.39
C PRO D 175 -0.70 4.17 -5.84
N GLY D 176 -1.85 4.41 -6.47
CA GLY D 176 -1.99 4.16 -7.91
C GLY D 176 -1.07 5.05 -8.74
N GLU D 177 -1.07 6.35 -8.46
CA GLU D 177 -0.27 7.29 -9.23
C GLU D 177 1.13 7.49 -8.68
N THR D 178 1.34 7.04 -7.44
CA THR D 178 2.63 7.20 -6.77
C THR D 178 3.15 5.84 -6.28
N SER D 179 3.08 4.85 -7.17
CA SER D 179 3.57 3.51 -6.86
C SER D 179 5.09 3.49 -6.63
N SER D 180 5.60 2.40 -6.09
CA SER D 180 7.05 2.23 -5.92
C SER D 180 7.79 2.35 -7.26
N GLU D 181 7.26 1.69 -8.30
CA GLU D 181 7.85 1.75 -9.63
C GLU D 181 7.87 3.20 -10.15
N ARG D 182 6.77 3.92 -9.95
CA ARG D 182 6.68 5.32 -10.35
C ARG D 182 7.67 6.19 -9.57
N GLN D 183 7.81 5.95 -8.26
CA GLN D 183 8.80 6.67 -7.46
C GLN D 183 10.22 6.51 -8.00
N LEU D 184 10.58 5.27 -8.35
CA LEU D 184 11.90 5.00 -8.90
C LEU D 184 12.09 5.68 -10.25
N GLU D 185 11.04 5.70 -11.07
CA GLU D 185 11.10 6.38 -12.37
C GLU D 185 11.23 7.90 -12.21
N MET D 186 10.51 8.47 -11.23
CA MET D 186 10.62 9.89 -10.92
C MET D 186 12.05 10.24 -10.54
N LEU D 187 12.69 9.37 -9.75
CA LEU D 187 14.07 9.60 -9.33
C LEU D 187 15.00 9.51 -10.55
N GLU D 188 14.84 8.45 -11.33
CA GLU D 188 15.65 8.24 -12.52
C GLU D 188 15.57 9.40 -13.52
N GLN D 189 14.36 9.83 -13.84
CA GLN D 189 14.17 10.97 -14.74
C GLN D 189 14.73 12.29 -14.20
N PHE D 190 14.61 12.49 -12.88
CA PHE D 190 15.15 13.68 -12.24
C PHE D 190 16.69 13.71 -12.40
N VAL D 191 17.34 12.60 -12.05
CA VAL D 191 18.80 12.48 -12.19
C VAL D 191 19.25 12.68 -13.65
N ALA D 192 18.51 12.09 -14.59
CA ALA D 192 18.84 12.17 -16.01
C ALA D 192 18.79 13.60 -16.54
N ALA D 193 17.96 14.43 -15.93
CA ALA D 193 17.79 15.83 -16.31
C ALA D 193 18.89 16.76 -15.76
N LEU D 194 19.75 16.23 -14.88
CA LEU D 194 20.82 17.04 -14.26
C LEU D 194 22.06 17.26 -15.13
#